data_3CTY
#
_entry.id   3CTY
#
_cell.length_a   165.950
_cell.length_b   165.950
_cell.length_c   165.950
_cell.angle_alpha   90.00
_cell.angle_beta   90.00
_cell.angle_gamma   90.00
#
_symmetry.space_group_name_H-M   'I 2 3'
#
loop_
_entity.id
_entity.type
_entity.pdbx_description
1 polymer 'Thioredoxin reductase'
2 non-polymer 'FLAVIN-ADENINE DINUCLEOTIDE'
3 water water
#
_entity_poly.entity_id   1
_entity_poly.type   'polypeptide(L)'
_entity_poly.pdbx_seq_one_letter_code
;MEFNLHAVSSEEKERDFDVVIVGAGAAGFSAAVYAARSGFSVAILDKAVAGGLTAEAPLVENYLGFKSIVGSELAKLFAD
HAANYAKIREGVEVRSIKKTQGGFDIETNDDTYHAKYVIITTGTTHKHLGVKGESEYFGKGTSYCSTCDGYLFKGKRVVT
IGGGNSGAIAAISMSEYVKNVTIIEYMPKYMCENAYVQEIKKRNIPYIMNAQVTEIVGDGKKVTGVKYKDRTTGEEKLIE
TDGVFIYVGLIPQTSFLKDSGVKLDERGYIVVDSRQRTSVPGVYAAGDVTSGNFAQIASAVGDGCKAALSLYSDSISKK
;
_entity_poly.pdbx_strand_id   A,B
#
loop_
_chem_comp.id
_chem_comp.type
_chem_comp.name
_chem_comp.formula
FAD non-polymer 'FLAVIN-ADENINE DINUCLEOTIDE' 'C27 H33 N9 O15 P2'
#
# COMPACT_ATOMS: atom_id res chain seq x y z
N GLU A 14 31.23 6.95 -0.72
CA GLU A 14 29.95 6.19 -0.82
C GLU A 14 29.17 6.32 0.49
N ARG A 15 29.19 7.54 1.04
CA ARG A 15 28.45 7.85 2.26
C ARG A 15 27.61 9.07 1.94
N ASP A 16 27.57 9.43 0.67
CA ASP A 16 26.81 10.59 0.21
C ASP A 16 25.78 10.20 -0.84
N PHE A 17 24.51 10.47 -0.54
CA PHE A 17 23.41 10.14 -1.46
C PHE A 17 22.36 11.25 -1.52
N ASP A 18 21.57 11.26 -2.58
CA ASP A 18 20.52 12.25 -2.69
C ASP A 18 19.52 11.93 -1.59
N VAL A 19 19.17 10.65 -1.45
CA VAL A 19 18.24 10.25 -0.43
C VAL A 19 18.70 9.05 0.39
N VAL A 20 18.66 9.22 1.71
CA VAL A 20 19.04 8.17 2.63
C VAL A 20 17.77 7.73 3.35
N ILE A 21 17.53 6.42 3.38
CA ILE A 21 16.35 5.86 4.04
C ILE A 21 16.83 5.04 5.23
N VAL A 22 16.25 5.29 6.39
CA VAL A 22 16.61 4.62 7.63
C VAL A 22 15.63 3.49 7.97
N GLY A 23 16.06 2.25 7.73
CA GLY A 23 15.23 1.09 8.01
C GLY A 23 14.91 0.27 6.78
N ALA A 24 15.45 -0.92 6.67
CA ALA A 24 15.19 -1.76 5.50
C ALA A 24 13.98 -2.69 5.69
N GLY A 25 12.80 -2.09 5.82
CA GLY A 25 11.58 -2.87 5.96
C GLY A 25 10.61 -2.53 4.85
N ALA A 26 9.40 -3.09 4.91
CA ALA A 26 8.37 -2.85 3.90
C ALA A 26 8.33 -1.38 3.45
N ALA A 27 8.12 -0.45 4.39
CA ALA A 27 8.08 0.97 4.02
C ALA A 27 9.36 1.43 3.33
N GLY A 28 10.50 1.21 3.98
CA GLY A 28 11.76 1.61 3.40
C GLY A 28 11.99 1.09 2.00
N PHE A 29 11.82 -0.22 1.79
CA PHE A 29 12.01 -0.81 0.48
C PHE A 29 11.13 -0.15 -0.59
N SER A 30 9.86 0.09 -0.25
CA SER A 30 8.92 0.72 -1.15
C SER A 30 9.41 2.12 -1.50
N ALA A 31 9.78 2.90 -0.48
CA ALA A 31 10.27 4.25 -0.68
C ALA A 31 11.50 4.25 -1.57
N ALA A 32 12.37 3.26 -1.39
CA ALA A 32 13.60 3.17 -2.17
C ALA A 32 13.32 3.07 -3.67
N VAL A 33 12.52 2.09 -4.08
CA VAL A 33 12.22 1.91 -5.50
C VAL A 33 11.69 3.19 -6.14
N TYR A 34 10.75 3.86 -5.48
CA TYR A 34 10.20 5.10 -6.01
C TYR A 34 11.20 6.25 -5.97
N ALA A 35 12.05 6.27 -4.95
CA ALA A 35 13.07 7.31 -4.83
C ALA A 35 14.03 7.19 -6.01
N ALA A 36 14.47 5.96 -6.26
CA ALA A 36 15.38 5.69 -7.35
C ALA A 36 14.72 6.08 -8.68
N ARG A 37 13.59 5.45 -8.98
CA ARG A 37 12.87 5.71 -10.22
C ARG A 37 12.59 7.21 -10.42
N SER A 38 12.55 7.96 -9.33
CA SER A 38 12.34 9.40 -9.41
C SER A 38 13.67 10.11 -9.75
N GLY A 39 14.70 9.31 -10.02
CA GLY A 39 16.00 9.86 -10.38
C GLY A 39 16.99 10.16 -9.26
N PHE A 40 16.69 9.75 -8.04
CA PHE A 40 17.58 10.00 -6.90
C PHE A 40 18.52 8.85 -6.63
N SER A 41 19.69 9.18 -6.11
CA SER A 41 20.66 8.15 -5.72
C SER A 41 20.13 7.81 -4.35
N VAL A 42 20.00 6.53 -4.05
CA VAL A 42 19.43 6.12 -2.76
C VAL A 42 20.22 5.08 -1.97
N ALA A 43 20.19 5.25 -0.65
CA ALA A 43 20.86 4.33 0.25
C ALA A 43 19.93 3.96 1.41
N ILE A 44 19.77 2.66 1.66
CA ILE A 44 18.94 2.16 2.76
C ILE A 44 19.87 1.64 3.86
N LEU A 45 19.75 2.23 5.04
CA LEU A 45 20.57 1.85 6.19
C LEU A 45 19.77 1.09 7.24
N ASP A 46 20.20 -0.12 7.57
CA ASP A 46 19.51 -0.88 8.60
C ASP A 46 20.50 -1.31 9.69
N LYS A 47 20.12 -1.11 10.94
CA LYS A 47 21.01 -1.47 12.06
C LYS A 47 21.26 -2.98 12.18
N ALA A 48 20.62 -3.78 11.32
CA ALA A 48 20.79 -5.24 11.34
C ALA A 48 20.66 -5.75 9.91
N VAL A 49 20.35 -7.03 9.72
CA VAL A 49 20.17 -7.52 8.35
C VAL A 49 18.78 -7.04 7.90
N ALA A 50 18.64 -6.75 6.62
CA ALA A 50 17.37 -6.27 6.06
C ALA A 50 16.21 -7.22 6.28
N GLY A 51 15.01 -6.72 5.97
CA GLY A 51 13.82 -7.52 6.12
C GLY A 51 12.77 -6.85 7.00
N GLY A 52 13.18 -6.43 8.18
CA GLY A 52 12.26 -5.81 9.12
C GLY A 52 11.34 -6.84 9.76
N LEU A 53 10.27 -6.35 10.39
CA LEU A 53 9.29 -7.20 11.09
C LEU A 53 8.56 -8.16 10.15
N THR A 54 8.49 -7.80 8.86
CA THR A 54 7.85 -8.66 7.88
C THR A 54 8.46 -10.06 7.91
N ALA A 55 9.79 -10.14 8.05
CA ALA A 55 10.46 -11.43 8.07
C ALA A 55 9.99 -12.28 9.25
N GLU A 56 9.53 -11.61 10.30
CA GLU A 56 9.07 -12.34 11.47
C GLU A 56 7.60 -12.74 11.37
N ALA A 57 6.92 -12.31 10.32
CA ALA A 57 5.52 -12.66 10.15
C ALA A 57 5.40 -14.12 9.72
N PRO A 58 4.73 -14.96 10.52
CA PRO A 58 4.57 -16.38 10.18
C PRO A 58 3.95 -16.62 8.80
N LEU A 59 2.74 -16.09 8.58
CA LEU A 59 2.06 -16.29 7.30
C LEU A 59 1.27 -15.03 6.93
N VAL A 60 1.63 -14.43 5.80
CA VAL A 60 0.97 -13.22 5.35
C VAL A 60 -0.08 -13.51 4.29
N GLU A 61 -1.33 -13.20 4.62
CA GLU A 61 -2.42 -13.45 3.69
C GLU A 61 -3.21 -12.22 3.27
N ASN A 62 -2.78 -11.05 3.74
CA ASN A 62 -3.50 -9.84 3.39
C ASN A 62 -2.67 -8.75 2.70
N TYR A 63 -1.63 -9.15 1.99
CA TYR A 63 -0.84 -8.20 1.22
C TYR A 63 -1.30 -8.51 -0.22
N LEU A 64 -2.10 -7.62 -0.80
CA LEU A 64 -2.67 -7.83 -2.13
C LEU A 64 -1.74 -8.42 -3.19
N GLY A 65 -2.15 -9.53 -3.77
CA GLY A 65 -1.34 -10.18 -4.78
C GLY A 65 -0.75 -11.50 -4.34
N PHE A 66 -0.61 -11.68 -3.02
CA PHE A 66 -0.08 -12.91 -2.43
C PHE A 66 -1.20 -13.53 -1.59
N LYS A 67 -1.74 -14.65 -2.05
CA LYS A 67 -2.81 -15.27 -1.29
C LYS A 67 -2.31 -15.75 0.07
N SER A 68 -1.09 -16.27 0.08
CA SER A 68 -0.51 -16.78 1.30
C SER A 68 0.99 -16.98 1.13
N ILE A 69 1.78 -16.22 1.89
CA ILE A 69 3.22 -16.32 1.78
C ILE A 69 3.91 -16.12 3.11
N VAL A 70 4.88 -16.99 3.40
CA VAL A 70 5.62 -16.89 4.64
C VAL A 70 6.34 -15.54 4.65
N GLY A 71 6.27 -14.86 5.79
CA GLY A 71 6.89 -13.55 5.94
C GLY A 71 8.33 -13.48 5.45
N SER A 72 9.19 -14.34 5.98
CA SER A 72 10.60 -14.34 5.59
C SER A 72 10.72 -14.42 4.07
N GLU A 73 9.90 -15.26 3.44
CA GLU A 73 9.93 -15.38 2.00
C GLU A 73 9.50 -14.08 1.33
N LEU A 74 8.43 -13.46 1.84
CA LEU A 74 7.97 -12.21 1.26
C LEU A 74 9.01 -11.11 1.43
N ALA A 75 9.65 -11.07 2.61
CA ALA A 75 10.67 -10.07 2.90
C ALA A 75 11.83 -10.20 1.91
N LYS A 76 12.11 -11.44 1.52
CA LYS A 76 13.18 -11.75 0.58
C LYS A 76 12.86 -11.10 -0.77
N LEU A 77 11.61 -11.23 -1.21
CA LEU A 77 11.19 -10.65 -2.48
C LEU A 77 11.26 -9.12 -2.39
N PHE A 78 10.86 -8.57 -1.25
CA PHE A 78 10.91 -7.12 -1.06
C PHE A 78 12.34 -6.62 -1.23
N ALA A 79 13.25 -7.18 -0.43
CA ALA A 79 14.66 -6.79 -0.48
C ALA A 79 15.28 -6.93 -1.88
N ASP A 80 15.03 -8.06 -2.53
CA ASP A 80 15.60 -8.27 -3.86
C ASP A 80 15.08 -7.26 -4.88
N HIS A 81 13.84 -6.84 -4.69
CA HIS A 81 13.21 -5.87 -5.56
C HIS A 81 13.88 -4.52 -5.32
N ALA A 82 14.02 -4.16 -4.05
CA ALA A 82 14.61 -2.88 -3.69
C ALA A 82 16.09 -2.84 -4.07
N ALA A 83 16.74 -4.00 -4.01
CA ALA A 83 18.17 -4.11 -4.33
C ALA A 83 18.52 -3.54 -5.70
N ASN A 84 17.60 -3.65 -6.64
CA ASN A 84 17.83 -3.16 -8.00
C ASN A 84 17.77 -1.64 -8.12
N TYR A 85 17.49 -0.94 -7.02
CA TYR A 85 17.38 0.50 -7.10
C TYR A 85 18.15 1.25 -6.02
N ALA A 86 18.58 0.55 -4.98
CA ALA A 86 19.32 1.21 -3.91
C ALA A 86 20.39 0.33 -3.31
N LYS A 87 21.29 0.98 -2.56
CA LYS A 87 22.38 0.26 -1.90
C LYS A 87 21.85 -0.08 -0.51
N ILE A 88 21.81 -1.38 -0.19
CA ILE A 88 21.33 -1.79 1.12
C ILE A 88 22.54 -1.98 2.04
N ARG A 89 22.69 -1.10 3.02
CA ARG A 89 23.80 -1.15 3.97
C ARG A 89 23.42 -1.84 5.27
N GLU A 90 23.55 -3.17 5.34
CA GLU A 90 23.20 -3.87 6.58
C GLU A 90 24.24 -3.65 7.68
N GLY A 91 23.79 -3.67 8.93
CA GLY A 91 24.71 -3.48 10.04
C GLY A 91 25.04 -2.04 10.39
N VAL A 92 24.37 -1.08 9.77
CA VAL A 92 24.62 0.31 10.07
C VAL A 92 23.46 0.95 10.81
N GLU A 93 23.67 1.23 12.10
CA GLU A 93 22.65 1.83 12.94
C GLU A 93 22.81 3.35 12.97
N VAL A 94 21.70 4.05 12.76
CA VAL A 94 21.70 5.51 12.77
C VAL A 94 21.53 5.97 14.20
N ARG A 95 22.29 6.98 14.59
CA ARG A 95 22.24 7.50 15.95
C ARG A 95 21.74 8.94 16.03
N SER A 96 21.80 9.66 14.93
CA SER A 96 21.32 11.03 14.92
C SER A 96 21.15 11.59 13.52
N ILE A 97 20.35 12.66 13.42
CA ILE A 97 20.10 13.31 12.15
C ILE A 97 19.92 14.80 12.41
N LYS A 98 20.76 15.60 11.78
CA LYS A 98 20.67 17.05 11.93
C LYS A 98 20.86 17.72 10.57
N LYS A 99 19.98 18.68 10.30
CA LYS A 99 20.02 19.40 9.03
C LYS A 99 21.21 20.35 8.97
N THR A 100 21.68 20.57 7.75
CA THR A 100 22.81 21.45 7.49
C THR A 100 22.51 22.11 6.15
N GLN A 101 23.09 23.29 5.91
CA GLN A 101 22.87 23.99 4.65
C GLN A 101 23.45 23.15 3.50
N GLY A 102 22.65 22.21 3.01
CA GLY A 102 23.08 21.36 1.93
C GLY A 102 22.57 19.93 2.11
N GLY A 103 21.60 19.79 3.00
CA GLY A 103 21.03 18.48 3.25
C GLY A 103 20.98 18.12 4.72
N PHE A 104 21.50 16.94 5.07
CA PHE A 104 21.51 16.46 6.45
C PHE A 104 22.74 15.60 6.69
N ASP A 105 23.06 15.41 7.96
CA ASP A 105 24.17 14.56 8.35
C ASP A 105 23.63 13.40 9.19
N ILE A 106 23.98 12.18 8.80
CA ILE A 106 23.52 10.99 9.48
C ILE A 106 24.63 10.30 10.27
N GLU A 107 24.77 10.66 11.54
CA GLU A 107 25.79 10.05 12.39
C GLU A 107 25.43 8.58 12.61
N THR A 108 26.38 7.69 12.35
CA THR A 108 26.11 6.25 12.52
C THR A 108 27.11 5.49 13.38
N ASN A 109 26.84 4.18 13.53
CA ASN A 109 27.69 3.29 14.29
C ASN A 109 28.76 2.82 13.30
N ASP A 110 28.72 3.43 12.13
CA ASP A 110 29.68 3.15 11.07
C ASP A 110 30.57 4.38 11.01
N ASP A 111 30.16 5.37 10.23
CA ASP A 111 30.93 6.60 10.11
C ASP A 111 29.98 7.79 10.13
N THR A 112 29.78 8.38 8.97
CA THR A 112 28.88 9.52 8.82
C THR A 112 28.40 9.57 7.38
N TYR A 113 27.09 9.70 7.20
CA TYR A 113 26.50 9.76 5.87
C TYR A 113 25.92 11.15 5.62
N HIS A 114 25.89 11.54 4.35
CA HIS A 114 25.37 12.85 3.96
C HIS A 114 24.28 12.69 2.91
N ALA A 115 23.14 13.30 3.17
CA ALA A 115 22.02 13.22 2.23
C ALA A 115 21.32 14.56 2.11
N LYS A 116 20.65 14.77 0.99
CA LYS A 116 19.92 16.00 0.76
C LYS A 116 18.53 15.81 1.34
N TYR A 117 18.09 14.55 1.34
CA TYR A 117 16.75 14.20 1.84
C TYR A 117 16.79 12.90 2.64
N VAL A 118 15.89 12.78 3.59
CA VAL A 118 15.83 11.56 4.40
C VAL A 118 14.42 11.05 4.62
N ILE A 119 14.28 9.73 4.62
CA ILE A 119 13.00 9.08 4.87
C ILE A 119 13.23 8.11 6.03
N ILE A 120 12.54 8.34 7.13
CA ILE A 120 12.67 7.51 8.32
C ILE A 120 11.64 6.39 8.35
N THR A 121 12.11 5.15 8.19
CA THR A 121 11.23 4.00 8.18
C THR A 121 11.78 2.95 9.14
N THR A 122 11.92 3.35 10.39
CA THR A 122 12.49 2.48 11.42
C THR A 122 11.54 1.57 12.16
N GLY A 123 10.28 1.55 11.75
CA GLY A 123 9.30 0.68 12.38
C GLY A 123 9.26 0.70 13.90
N THR A 124 9.05 -0.47 14.50
CA THR A 124 8.93 -0.58 15.95
C THR A 124 9.70 -1.76 16.54
N THR A 125 9.69 -1.84 17.86
CA THR A 125 10.34 -2.94 18.58
C THR A 125 9.27 -3.58 19.44
N HIS A 126 9.50 -4.82 19.86
CA HIS A 126 8.55 -5.56 20.69
C HIS A 126 8.52 -5.00 22.10
N LYS A 127 7.33 -4.67 22.60
CA LYS A 127 7.18 -4.14 23.95
C LYS A 127 7.33 -5.27 24.97
N HIS A 128 7.84 -4.94 26.16
CA HIS A 128 8.01 -5.95 27.22
C HIS A 128 6.79 -6.00 28.12
N LEU A 129 6.58 -7.13 28.78
CA LEU A 129 5.43 -7.29 29.65
C LEU A 129 5.59 -6.57 30.98
N GLY A 130 6.80 -6.67 31.57
CA GLY A 130 7.05 -6.03 32.84
C GLY A 130 6.57 -6.82 34.05
N VAL A 131 6.76 -8.13 34.04
CA VAL A 131 6.35 -8.99 35.15
C VAL A 131 7.50 -9.85 35.66
N LYS A 132 7.42 -10.19 36.94
CA LYS A 132 8.43 -11.02 37.58
C LYS A 132 8.72 -12.30 36.80
N GLY A 133 10.00 -12.52 36.51
CA GLY A 133 10.40 -13.71 35.78
C GLY A 133 10.62 -13.50 34.30
N GLU A 134 10.22 -12.33 33.80
CA GLU A 134 10.39 -12.03 32.39
C GLU A 134 11.86 -11.76 32.05
N SER A 135 12.52 -10.94 32.85
CA SER A 135 13.92 -10.63 32.62
C SER A 135 14.74 -11.89 32.91
N GLU A 136 14.47 -12.51 34.05
CA GLU A 136 15.17 -13.71 34.47
C GLU A 136 15.18 -14.87 33.48
N TYR A 137 14.02 -15.19 32.91
CA TYR A 137 13.93 -16.30 31.98
C TYR A 137 14.09 -15.95 30.50
N PHE A 138 14.65 -14.79 30.23
CA PHE A 138 14.88 -14.40 28.84
C PHE A 138 15.94 -15.34 28.27
N GLY A 139 15.59 -16.05 27.20
CA GLY A 139 16.55 -16.97 26.62
C GLY A 139 16.51 -18.29 27.38
N LYS A 140 15.57 -18.39 28.32
CA LYS A 140 15.40 -19.59 29.12
C LYS A 140 13.98 -20.14 28.96
N GLY A 141 13.35 -19.82 27.84
CA GLY A 141 12.00 -20.29 27.57
C GLY A 141 11.06 -19.15 27.23
N THR A 142 11.59 -17.94 27.22
CA THR A 142 10.82 -16.74 26.92
C THR A 142 11.35 -16.11 25.65
N SER A 143 10.44 -15.79 24.73
CA SER A 143 10.81 -15.22 23.45
C SER A 143 9.78 -14.22 22.91
N TYR A 144 10.24 -13.30 22.09
CA TYR A 144 9.36 -12.32 21.49
C TYR A 144 9.20 -12.57 20.00
N CYS A 145 9.67 -13.72 19.52
CA CYS A 145 9.57 -14.03 18.11
C CYS A 145 9.32 -15.52 17.85
N SER A 146 8.07 -15.86 17.58
CA SER A 146 7.66 -17.23 17.33
C SER A 146 8.36 -17.87 16.12
N THR A 147 8.62 -17.10 15.07
CA THR A 147 9.25 -17.69 13.90
C THR A 147 10.73 -17.93 14.17
N CYS A 148 11.28 -17.24 15.17
CA CYS A 148 12.67 -17.40 15.51
C CYS A 148 12.89 -18.60 16.42
N ASP A 149 12.05 -18.74 17.45
CA ASP A 149 12.21 -19.81 18.42
C ASP A 149 11.08 -20.81 18.60
N GLY A 150 10.11 -20.78 17.71
CA GLY A 150 9.00 -21.70 17.80
C GLY A 150 9.48 -23.14 17.71
N TYR A 151 10.47 -23.38 16.85
CA TYR A 151 10.99 -24.74 16.66
C TYR A 151 11.40 -25.39 17.99
N LEU A 152 12.04 -24.63 18.87
CA LEU A 152 12.48 -25.16 20.15
C LEU A 152 11.41 -25.94 20.90
N PHE A 153 10.15 -25.64 20.62
CA PHE A 153 9.05 -26.28 21.35
C PHE A 153 8.20 -27.32 20.64
N LYS A 154 8.72 -27.89 19.56
CA LYS A 154 8.00 -28.92 18.84
C LYS A 154 7.66 -30.03 19.83
N GLY A 155 6.43 -30.53 19.77
CA GLY A 155 5.99 -31.58 20.67
C GLY A 155 5.91 -31.11 22.12
N LYS A 156 6.15 -29.82 22.35
CA LYS A 156 6.10 -29.25 23.71
C LYS A 156 4.89 -28.33 23.92
N ARG A 157 4.78 -27.79 25.13
CA ARG A 157 3.67 -26.92 25.50
C ARG A 157 4.09 -25.46 25.45
N VAL A 158 3.23 -24.62 24.88
CA VAL A 158 3.54 -23.19 24.80
C VAL A 158 2.34 -22.30 25.15
N VAL A 159 2.66 -21.12 25.69
CA VAL A 159 1.67 -20.14 26.04
C VAL A 159 2.02 -18.82 25.37
N THR A 160 1.06 -18.27 24.63
CA THR A 160 1.26 -16.99 23.96
C THR A 160 0.56 -15.91 24.76
N ILE A 161 1.36 -14.97 25.28
CA ILE A 161 0.81 -13.87 26.04
C ILE A 161 0.55 -12.74 25.05
N GLY A 162 -0.72 -12.35 24.91
CA GLY A 162 -1.12 -11.31 23.97
C GLY A 162 -1.91 -11.96 22.84
N GLY A 163 -3.22 -11.66 22.76
CA GLY A 163 -4.06 -12.26 21.73
C GLY A 163 -4.42 -11.34 20.57
N GLY A 164 -3.53 -10.41 20.24
CA GLY A 164 -3.77 -9.51 19.12
C GLY A 164 -3.43 -10.26 17.83
N ASN A 165 -3.45 -9.56 16.68
CA ASN A 165 -3.14 -10.21 15.41
C ASN A 165 -1.80 -10.93 15.39
N SER A 166 -0.76 -10.31 15.94
CA SER A 166 0.56 -10.93 15.98
C SER A 166 0.53 -12.19 16.84
N GLY A 167 0.13 -12.05 18.10
CA GLY A 167 0.05 -13.20 18.98
C GLY A 167 -0.82 -14.31 18.40
N ALA A 168 -1.95 -13.94 17.78
CA ALA A 168 -2.89 -14.89 17.21
C ALA A 168 -2.27 -15.76 16.13
N ILE A 169 -1.61 -15.13 15.17
CA ILE A 169 -1.00 -15.90 14.09
C ILE A 169 0.23 -16.68 14.58
N ALA A 170 0.92 -16.12 15.57
CA ALA A 170 2.08 -16.79 16.14
C ALA A 170 1.60 -18.13 16.67
N ALA A 171 0.59 -18.08 17.53
CA ALA A 171 0.06 -19.29 18.15
C ALA A 171 -0.62 -20.22 17.14
N ILE A 172 -1.33 -19.63 16.18
CA ILE A 172 -1.99 -20.43 15.16
C ILE A 172 -0.94 -21.21 14.38
N SER A 173 0.13 -20.54 14.00
CA SER A 173 1.18 -21.19 13.23
C SER A 173 1.94 -22.23 14.06
N MET A 174 2.24 -21.89 15.31
CA MET A 174 2.96 -22.81 16.19
C MET A 174 2.18 -24.10 16.44
N SER A 175 0.87 -23.97 16.64
CA SER A 175 0.00 -25.13 16.89
C SER A 175 0.15 -26.20 15.81
N GLU A 176 0.88 -25.86 14.76
CA GLU A 176 1.09 -26.80 13.66
C GLU A 176 2.10 -27.87 14.09
N TYR A 177 3.02 -27.50 14.97
CA TYR A 177 4.05 -28.43 15.39
C TYR A 177 4.31 -28.61 16.90
N VAL A 178 3.82 -27.69 17.74
CA VAL A 178 4.02 -27.84 19.18
C VAL A 178 2.97 -28.79 19.71
N LYS A 179 3.11 -29.22 20.96
CA LYS A 179 2.16 -30.14 21.60
C LYS A 179 0.81 -29.46 21.76
N ASN A 180 0.84 -28.25 22.30
CA ASN A 180 -0.37 -27.46 22.49
C ASN A 180 -0.03 -26.01 22.76
N VAL A 181 -0.93 -25.12 22.33
CA VAL A 181 -0.75 -23.70 22.53
C VAL A 181 -1.94 -23.15 23.29
N THR A 182 -1.68 -22.18 24.16
CA THR A 182 -2.73 -21.55 24.92
C THR A 182 -2.49 -20.07 24.76
N ILE A 183 -3.55 -19.32 24.50
CA ILE A 183 -3.43 -17.87 24.37
C ILE A 183 -4.04 -17.18 25.57
N ILE A 184 -3.32 -16.19 26.10
CA ILE A 184 -3.76 -15.43 27.26
C ILE A 184 -3.86 -13.96 26.87
N GLU A 185 -5.09 -13.44 26.89
CA GLU A 185 -5.34 -12.05 26.51
C GLU A 185 -5.84 -11.20 27.69
N TYR A 186 -5.30 -10.00 27.80
CA TYR A 186 -5.65 -9.08 28.86
C TYR A 186 -7.08 -8.56 28.71
N MET A 187 -7.40 -8.07 27.52
CA MET A 187 -8.73 -7.54 27.24
C MET A 187 -9.80 -8.62 27.35
N PRO A 188 -11.01 -8.24 27.80
CA PRO A 188 -12.13 -9.17 27.96
C PRO A 188 -12.81 -9.47 26.62
N LYS A 189 -12.02 -9.54 25.57
CA LYS A 189 -12.57 -9.83 24.26
C LYS A 189 -11.47 -10.33 23.34
N TYR A 190 -11.85 -10.80 22.15
CA TYR A 190 -10.85 -11.25 21.20
C TYR A 190 -10.26 -9.96 20.66
N MET A 191 -8.94 -9.88 20.61
CA MET A 191 -8.30 -8.67 20.08
C MET A 191 -7.75 -8.90 18.68
N CYS A 192 -7.90 -10.11 18.17
CA CYS A 192 -7.41 -10.44 16.83
C CYS A 192 -8.57 -10.46 15.83
N GLU A 193 -8.27 -10.15 14.57
CA GLU A 193 -9.31 -10.14 13.54
C GLU A 193 -10.08 -11.46 13.46
N ASN A 194 -11.32 -11.36 13.03
CA ASN A 194 -12.21 -12.50 12.93
C ASN A 194 -11.65 -13.71 12.19
N ALA A 195 -10.87 -13.48 11.14
CA ALA A 195 -10.31 -14.61 10.39
C ALA A 195 -9.46 -15.48 11.34
N TYR A 196 -8.80 -14.85 12.31
CA TYR A 196 -7.99 -15.61 13.27
C TYR A 196 -8.87 -16.24 14.34
N VAL A 197 -9.94 -15.52 14.73
CA VAL A 197 -10.87 -16.03 15.71
C VAL A 197 -11.41 -17.39 15.26
N GLN A 198 -11.80 -17.46 13.99
CA GLN A 198 -12.33 -18.69 13.41
C GLN A 198 -11.28 -19.81 13.38
N GLU A 199 -10.07 -19.45 12.97
CA GLU A 199 -8.97 -20.41 12.88
C GLU A 199 -8.61 -20.94 14.27
N ILE A 200 -8.60 -20.04 15.24
CA ILE A 200 -8.29 -20.40 16.61
C ILE A 200 -9.35 -21.34 17.17
N LYS A 201 -10.61 -21.02 16.91
CA LYS A 201 -11.69 -21.88 17.40
C LYS A 201 -11.66 -23.20 16.63
N LYS A 202 -11.23 -23.15 15.37
CA LYS A 202 -11.17 -24.36 14.56
C LYS A 202 -10.11 -25.33 15.07
N ARG A 203 -8.96 -24.82 15.50
CA ARG A 203 -7.88 -25.66 15.99
C ARG A 203 -7.99 -25.92 17.49
N ASN A 204 -9.12 -25.51 18.08
CA ASN A 204 -9.36 -25.70 19.51
C ASN A 204 -8.24 -25.13 20.39
N ILE A 205 -7.73 -23.96 20.03
CA ILE A 205 -6.68 -23.31 20.79
C ILE A 205 -7.34 -22.48 21.88
N PRO A 206 -7.18 -22.88 23.14
CA PRO A 206 -7.81 -22.08 24.18
C PRO A 206 -7.36 -20.63 24.10
N TYR A 207 -8.30 -19.71 24.28
CA TYR A 207 -8.02 -18.27 24.23
C TYR A 207 -8.65 -17.70 25.50
N ILE A 208 -7.80 -17.49 26.51
CA ILE A 208 -8.22 -16.98 27.80
C ILE A 208 -8.23 -15.46 27.83
N MET A 209 -9.43 -14.89 27.88
CA MET A 209 -9.56 -13.43 27.89
C MET A 209 -9.65 -12.88 29.31
N ASN A 210 -9.63 -11.56 29.42
CA ASN A 210 -9.73 -10.87 30.70
C ASN A 210 -8.71 -11.37 31.72
N ALA A 211 -7.54 -11.80 31.24
CA ALA A 211 -6.50 -12.33 32.11
C ALA A 211 -5.24 -11.48 32.17
N GLN A 212 -4.80 -11.18 33.39
CA GLN A 212 -3.60 -10.38 33.58
C GLN A 212 -2.49 -11.32 34.04
N VAL A 213 -1.39 -11.37 33.30
CA VAL A 213 -0.27 -12.23 33.68
C VAL A 213 0.43 -11.58 34.85
N THR A 214 0.69 -12.36 35.88
CA THR A 214 1.34 -11.84 37.07
C THR A 214 2.75 -12.35 37.20
N GLU A 215 3.01 -13.53 36.64
CA GLU A 215 4.36 -14.07 36.75
C GLU A 215 4.70 -15.21 35.81
N ILE A 216 5.95 -15.23 35.37
CA ILE A 216 6.45 -16.29 34.52
C ILE A 216 7.34 -17.03 35.49
N VAL A 217 7.11 -18.32 35.66
CA VAL A 217 7.89 -19.09 36.62
C VAL A 217 8.63 -20.27 36.02
N GLY A 218 9.70 -20.69 36.69
CA GLY A 218 10.51 -21.80 36.24
C GLY A 218 11.41 -22.33 37.34
N ASP A 219 12.35 -23.20 36.99
CA ASP A 219 13.26 -23.78 37.97
C ASP A 219 14.64 -23.14 37.95
N GLY A 220 14.69 -21.81 37.91
CA GLY A 220 15.98 -21.13 37.88
C GLY A 220 16.77 -21.37 36.62
N LYS A 221 16.47 -22.46 35.92
CA LYS A 221 17.16 -22.81 34.68
C LYS A 221 16.25 -22.56 33.45
N LYS A 222 15.08 -23.17 33.44
CA LYS A 222 14.13 -23.01 32.33
C LYS A 222 12.75 -22.59 32.83
N VAL A 223 11.88 -22.19 31.91
CA VAL A 223 10.52 -21.78 32.27
C VAL A 223 9.68 -23.04 32.48
N THR A 224 8.81 -23.04 33.49
CA THR A 224 7.95 -24.21 33.75
C THR A 224 6.48 -23.85 33.74
N GLY A 225 6.17 -22.55 33.78
CA GLY A 225 4.77 -22.14 33.77
C GLY A 225 4.54 -20.64 33.84
N VAL A 226 3.27 -20.24 33.82
CA VAL A 226 2.94 -18.83 33.89
C VAL A 226 1.71 -18.61 34.77
N LYS A 227 1.82 -17.65 35.66
CA LYS A 227 0.75 -17.31 36.59
C LYS A 227 -0.03 -16.10 36.08
N TYR A 228 -1.35 -16.18 36.17
CA TYR A 228 -2.23 -15.10 35.71
C TYR A 228 -3.52 -15.10 36.51
N LYS A 229 -4.08 -13.92 36.72
CA LYS A 229 -5.32 -13.82 37.47
C LYS A 229 -6.41 -13.19 36.63
N ASP A 230 -7.65 -13.58 36.86
CA ASP A 230 -8.75 -12.99 36.13
C ASP A 230 -8.91 -11.58 36.69
N ARG A 231 -8.94 -10.59 35.81
CA ARG A 231 -9.05 -9.19 36.21
C ARG A 231 -10.27 -8.84 37.07
N THR A 232 -11.35 -9.59 36.87
CA THR A 232 -12.58 -9.31 37.57
C THR A 232 -12.73 -10.02 38.91
N THR A 233 -12.70 -11.35 38.90
CA THR A 233 -12.89 -12.14 40.11
C THR A 233 -11.66 -12.25 40.99
N GLY A 234 -10.48 -11.99 40.45
CA GLY A 234 -9.27 -12.10 41.24
C GLY A 234 -8.67 -13.50 41.18
N GLU A 235 -9.49 -14.50 40.87
CA GLU A 235 -9.04 -15.88 40.79
C GLU A 235 -7.70 -15.99 40.08
N GLU A 236 -6.71 -16.51 40.78
CA GLU A 236 -5.39 -16.69 40.21
C GLU A 236 -5.24 -18.13 39.79
N LYS A 237 -4.55 -18.35 38.68
CA LYS A 237 -4.32 -19.69 38.19
C LYS A 237 -2.93 -19.83 37.63
N LEU A 238 -2.51 -21.08 37.48
CA LEU A 238 -1.19 -21.40 36.95
C LEU A 238 -1.33 -22.40 35.82
N ILE A 239 -0.61 -22.15 34.74
CA ILE A 239 -0.64 -23.06 33.61
C ILE A 239 0.81 -23.43 33.33
N GLU A 240 1.06 -24.72 33.19
CA GLU A 240 2.42 -25.19 32.94
C GLU A 240 2.75 -25.36 31.47
N THR A 241 3.80 -24.68 31.03
CA THR A 241 4.26 -24.80 29.64
C THR A 241 5.76 -24.93 29.63
N ASP A 242 6.33 -24.78 28.43
CA ASP A 242 7.77 -24.87 28.26
C ASP A 242 8.26 -23.56 27.67
N GLY A 243 7.50 -23.04 26.73
CA GLY A 243 7.88 -21.77 26.11
C GLY A 243 6.79 -20.73 26.27
N VAL A 244 7.21 -19.48 26.45
CA VAL A 244 6.31 -18.35 26.57
C VAL A 244 6.70 -17.28 25.55
N PHE A 245 5.77 -16.93 24.65
CA PHE A 245 6.02 -15.91 23.63
C PHE A 245 5.19 -14.66 23.96
N ILE A 246 5.86 -13.50 23.96
CA ILE A 246 5.21 -12.25 24.32
C ILE A 246 4.99 -11.23 23.20
N TYR A 247 3.71 -11.07 22.85
CA TYR A 247 3.26 -10.14 21.81
C TYR A 247 2.25 -9.18 22.47
N VAL A 248 2.73 -8.23 23.25
CA VAL A 248 1.83 -7.30 23.91
C VAL A 248 2.03 -5.85 23.54
N GLY A 249 2.36 -5.61 22.28
CA GLY A 249 2.53 -4.23 21.85
C GLY A 249 3.83 -3.94 21.13
N LEU A 250 3.94 -2.70 20.69
CA LEU A 250 5.10 -2.26 19.96
C LEU A 250 5.54 -0.91 20.54
N ILE A 251 6.76 -0.53 20.18
CA ILE A 251 7.35 0.71 20.64
C ILE A 251 8.03 1.32 19.42
N PRO A 252 7.77 2.60 19.14
CA PRO A 252 8.36 3.28 17.99
C PRO A 252 9.87 3.38 18.16
N GLN A 253 10.63 3.05 17.13
CA GLN A 253 12.07 3.17 17.23
C GLN A 253 12.42 4.59 16.81
N THR A 254 12.22 5.53 17.72
CA THR A 254 12.50 6.95 17.46
C THR A 254 13.51 7.55 18.43
N SER A 255 14.08 6.72 19.31
CA SER A 255 15.05 7.18 20.30
C SER A 255 16.25 7.93 19.69
N PHE A 256 16.66 7.51 18.49
CA PHE A 256 17.79 8.13 17.81
C PHE A 256 17.43 9.51 17.25
N LEU A 257 16.20 9.94 17.48
CA LEU A 257 15.77 11.24 16.99
C LEU A 257 15.85 12.35 18.03
N LYS A 258 16.54 12.07 19.13
CA LYS A 258 16.70 13.06 20.19
C LYS A 258 17.39 14.30 19.60
N ASP A 259 16.87 15.48 19.93
CA ASP A 259 17.44 16.73 19.42
C ASP A 259 17.57 16.76 17.90
N SER A 260 16.56 16.22 17.22
CA SER A 260 16.54 16.17 15.76
C SER A 260 15.55 17.20 15.23
N GLY A 261 14.54 17.51 16.04
CA GLY A 261 13.54 18.48 15.64
C GLY A 261 12.27 17.84 15.08
N VAL A 262 12.30 16.52 14.85
CA VAL A 262 11.11 15.85 14.32
C VAL A 262 10.14 15.56 15.46
N LYS A 263 8.99 16.22 15.41
CA LYS A 263 7.97 16.06 16.43
C LYS A 263 7.51 14.62 16.57
N LEU A 264 7.14 14.24 17.79
CA LEU A 264 6.66 12.90 18.11
C LEU A 264 5.40 13.02 18.94
N ASP A 265 4.56 11.99 18.94
CA ASP A 265 3.35 12.02 19.75
C ASP A 265 3.63 11.43 21.13
N GLU A 266 2.66 11.51 22.02
CA GLU A 266 2.81 11.01 23.38
C GLU A 266 3.40 9.60 23.52
N ARG A 267 3.28 8.77 22.50
CA ARG A 267 3.78 7.40 22.58
C ARG A 267 5.07 7.14 21.82
N GLY A 268 5.69 8.20 21.30
CA GLY A 268 6.94 8.05 20.58
C GLY A 268 6.88 8.00 19.06
N TYR A 269 5.70 7.86 18.49
CA TYR A 269 5.57 7.79 17.04
C TYR A 269 5.81 9.14 16.37
N ILE A 270 6.37 9.10 15.16
CA ILE A 270 6.65 10.31 14.39
C ILE A 270 5.39 10.85 13.73
N VAL A 271 4.97 12.05 14.11
CA VAL A 271 3.76 12.62 13.51
C VAL A 271 4.09 13.10 12.10
N VAL A 272 3.21 12.79 11.15
CA VAL A 272 3.41 13.20 9.76
C VAL A 272 2.12 13.74 9.18
N ASP A 273 2.22 14.54 8.12
CA ASP A 273 1.02 15.08 7.49
C ASP A 273 0.50 14.08 6.46
N SER A 274 -0.53 14.48 5.72
CA SER A 274 -1.12 13.61 4.72
C SER A 274 -0.18 13.25 3.57
N ARG A 275 0.99 13.89 3.53
CA ARG A 275 1.95 13.61 2.46
C ARG A 275 3.24 13.06 3.05
N GLN A 276 3.10 12.41 4.21
CA GLN A 276 4.21 11.78 4.93
C GLN A 276 5.35 12.73 5.33
N ARG A 277 5.08 14.03 5.42
CA ARG A 277 6.12 14.99 5.79
C ARG A 277 6.25 15.13 7.31
N THR A 278 7.48 15.19 7.80
CA THR A 278 7.70 15.35 9.24
C THR A 278 7.72 16.84 9.54
N SER A 279 7.88 17.17 10.82
CA SER A 279 7.93 18.57 11.23
C SER A 279 9.20 19.24 10.73
N VAL A 280 10.10 18.47 10.14
CA VAL A 280 11.37 19.00 9.64
C VAL A 280 11.50 18.93 8.12
N PRO A 281 11.57 20.10 7.47
CA PRO A 281 11.70 20.16 6.01
C PRO A 281 12.80 19.24 5.49
N GLY A 282 12.43 18.37 4.53
CA GLY A 282 13.40 17.46 3.97
C GLY A 282 13.43 16.08 4.61
N VAL A 283 12.72 15.91 5.71
CA VAL A 283 12.68 14.62 6.40
C VAL A 283 11.28 14.05 6.33
N TYR A 284 11.16 12.84 5.78
CA TYR A 284 9.87 12.18 5.65
C TYR A 284 9.87 10.88 6.43
N ALA A 285 8.69 10.38 6.78
CA ALA A 285 8.57 9.14 7.54
C ALA A 285 7.37 8.31 7.08
N ALA A 286 7.49 6.99 7.15
CA ALA A 286 6.42 6.10 6.73
C ALA A 286 6.52 4.73 7.40
N GLY A 287 5.38 4.10 7.63
CA GLY A 287 5.36 2.77 8.22
C GLY A 287 4.91 2.68 9.67
N ASP A 288 5.19 1.55 10.31
CA ASP A 288 4.82 1.34 11.71
C ASP A 288 5.42 2.41 12.62
N VAL A 289 6.41 3.15 12.12
CA VAL A 289 7.03 4.20 12.93
C VAL A 289 6.18 5.46 13.04
N THR A 290 5.35 5.75 12.04
CA THR A 290 4.50 6.94 12.05
C THR A 290 3.26 6.86 12.94
N SER A 291 2.85 8.03 13.44
CA SER A 291 1.70 8.17 14.33
C SER A 291 0.35 7.83 13.69
N GLY A 292 -0.39 6.92 14.33
CA GLY A 292 -1.69 6.51 13.80
C GLY A 292 -1.61 5.45 12.71
N ASN A 293 -0.44 4.87 12.49
CA ASN A 293 -0.26 3.85 11.47
C ASN A 293 -1.17 2.63 11.71
N PHE A 294 -1.50 1.91 10.65
CA PHE A 294 -2.37 0.75 10.81
C PHE A 294 -1.64 -0.58 10.98
N ALA A 295 -0.33 -0.50 11.17
CA ALA A 295 0.47 -1.68 11.43
C ALA A 295 0.35 -2.84 10.44
N GLN A 296 0.23 -2.54 9.16
CA GLN A 296 0.14 -3.62 8.18
C GLN A 296 1.22 -3.42 7.13
N ILE A 297 1.59 -4.49 6.45
CA ILE A 297 2.58 -4.40 5.39
C ILE A 297 1.99 -3.54 4.25
N ALA A 298 0.75 -3.81 3.86
CA ALA A 298 0.12 -3.06 2.77
C ALA A 298 0.17 -1.54 2.96
N SER A 299 -0.15 -1.06 4.18
CA SER A 299 -0.14 0.38 4.42
C SER A 299 1.26 0.95 4.44
N ALA A 300 2.20 0.17 4.94
CA ALA A 300 3.59 0.61 5.00
C ALA A 300 4.10 0.78 3.57
N VAL A 301 3.83 -0.22 2.74
CA VAL A 301 4.26 -0.17 1.35
C VAL A 301 3.65 1.04 0.69
N GLY A 302 2.35 1.24 0.92
CA GLY A 302 1.67 2.39 0.35
C GLY A 302 2.25 3.70 0.84
N ASP A 303 2.38 3.86 2.16
CA ASP A 303 2.92 5.09 2.72
C ASP A 303 4.40 5.31 2.38
N GLY A 304 5.14 4.22 2.20
CA GLY A 304 6.53 4.35 1.83
C GLY A 304 6.57 4.91 0.42
N CYS A 305 5.58 4.53 -0.39
CA CYS A 305 5.46 5.03 -1.76
C CYS A 305 5.18 6.53 -1.68
N LYS A 306 4.21 6.91 -0.85
CA LYS A 306 3.85 8.31 -0.71
C LYS A 306 5.04 9.18 -0.30
N ALA A 307 5.73 8.79 0.77
CA ALA A 307 6.87 9.55 1.25
C ALA A 307 7.85 9.85 0.11
N ALA A 308 8.23 8.83 -0.65
CA ALA A 308 9.16 9.03 -1.76
C ALA A 308 8.66 10.00 -2.85
N LEU A 309 7.40 9.88 -3.25
CA LEU A 309 6.83 10.75 -4.28
C LEU A 309 6.62 12.15 -3.69
N SER A 310 6.30 12.20 -2.40
CA SER A 310 6.09 13.48 -1.72
C SER A 310 7.45 14.18 -1.64
N LEU A 311 8.50 13.37 -1.49
CA LEU A 311 9.86 13.88 -1.40
C LEU A 311 10.18 14.50 -2.75
N TYR A 312 9.99 13.73 -3.81
CA TYR A 312 10.26 14.22 -5.15
C TYR A 312 9.46 15.47 -5.43
N SER A 313 8.14 15.37 -5.25
CA SER A 313 7.25 16.50 -5.46
C SER A 313 7.88 17.81 -4.95
N ASP A 314 8.41 17.79 -3.73
CA ASP A 314 9.00 19.00 -3.18
C ASP A 314 10.37 19.31 -3.80
N SER A 315 11.14 18.27 -4.11
CA SER A 315 12.47 18.48 -4.69
C SER A 315 12.41 19.40 -5.90
N ILE A 316 11.34 19.32 -6.66
CA ILE A 316 11.19 20.17 -7.85
C ILE A 316 10.59 21.51 -7.49
N SER A 317 10.89 21.99 -6.28
CA SER A 317 10.40 23.27 -5.78
C SER A 317 8.88 23.30 -5.66
N LYS B 13 -27.59 -14.61 -4.95
CA LYS B 13 -28.76 -13.79 -5.38
C LYS B 13 -28.98 -12.67 -4.37
N GLU B 14 -28.16 -12.67 -3.33
CA GLU B 14 -28.26 -11.67 -2.26
C GLU B 14 -27.79 -10.27 -2.64
N ARG B 15 -28.48 -9.27 -2.11
CA ARG B 15 -28.19 -7.87 -2.35
C ARG B 15 -27.83 -7.14 -1.04
N ASP B 16 -27.92 -7.87 0.08
CA ASP B 16 -27.60 -7.28 1.38
C ASP B 16 -26.26 -7.78 1.94
N PHE B 17 -25.40 -6.84 2.30
CA PHE B 17 -24.07 -7.16 2.83
C PHE B 17 -23.72 -6.19 3.95
N ASP B 18 -22.80 -6.60 4.83
CA ASP B 18 -22.39 -5.72 5.92
C ASP B 18 -21.66 -4.54 5.27
N VAL B 19 -20.91 -4.82 4.21
CA VAL B 19 -20.21 -3.75 3.55
C VAL B 19 -20.12 -3.93 2.04
N VAL B 20 -20.44 -2.85 1.34
CA VAL B 20 -20.38 -2.84 -0.10
C VAL B 20 -19.22 -1.95 -0.53
N ILE B 21 -18.40 -2.48 -1.41
CA ILE B 21 -17.27 -1.72 -1.92
C ILE B 21 -17.62 -1.40 -3.35
N VAL B 22 -17.52 -0.13 -3.72
CA VAL B 22 -17.84 0.28 -5.08
C VAL B 22 -16.59 0.51 -5.90
N GLY B 23 -16.29 -0.45 -6.76
CA GLY B 23 -15.12 -0.38 -7.59
C GLY B 23 -14.21 -1.56 -7.34
N ALA B 24 -14.05 -2.42 -8.34
CA ALA B 24 -13.20 -3.59 -8.20
C ALA B 24 -11.82 -3.35 -8.79
N GLY B 25 -11.10 -2.39 -8.19
CA GLY B 25 -9.74 -2.08 -8.62
C GLY B 25 -8.78 -2.33 -7.45
N ALA B 26 -7.48 -2.05 -7.64
CA ALA B 26 -6.47 -2.25 -6.58
C ALA B 26 -6.96 -1.85 -5.19
N ALA B 27 -7.48 -0.63 -5.03
CA ALA B 27 -7.95 -0.22 -3.71
C ALA B 27 -9.15 -1.07 -3.23
N GLY B 28 -10.17 -1.22 -4.08
CA GLY B 28 -11.33 -2.02 -3.70
C GLY B 28 -10.97 -3.45 -3.27
N PHE B 29 -10.08 -4.08 -4.03
CA PHE B 29 -9.65 -5.44 -3.73
C PHE B 29 -8.99 -5.54 -2.35
N SER B 30 -8.05 -4.64 -2.09
CA SER B 30 -7.36 -4.63 -0.81
C SER B 30 -8.40 -4.44 0.30
N ALA B 31 -9.23 -3.43 0.15
CA ALA B 31 -10.28 -3.16 1.13
C ALA B 31 -11.15 -4.41 1.36
N ALA B 32 -11.45 -5.14 0.29
CA ALA B 32 -12.28 -6.33 0.39
C ALA B 32 -11.65 -7.40 1.29
N VAL B 33 -10.39 -7.72 1.02
CA VAL B 33 -9.67 -8.70 1.81
C VAL B 33 -9.71 -8.29 3.29
N TYR B 34 -9.31 -7.06 3.58
CA TYR B 34 -9.31 -6.60 4.97
C TYR B 34 -10.70 -6.57 5.61
N ALA B 35 -11.71 -6.07 4.90
CA ALA B 35 -13.05 -6.05 5.50
C ALA B 35 -13.58 -7.45 5.77
N ALA B 36 -13.21 -8.40 4.91
CA ALA B 36 -13.69 -9.77 5.09
C ALA B 36 -13.03 -10.45 6.28
N ARG B 37 -11.70 -10.31 6.37
CA ARG B 37 -10.95 -10.91 7.48
C ARG B 37 -11.42 -10.29 8.80
N SER B 38 -11.98 -9.09 8.74
CA SER B 38 -12.47 -8.45 9.95
C SER B 38 -13.85 -8.97 10.33
N GLY B 39 -14.33 -9.98 9.61
CA GLY B 39 -15.63 -10.57 9.91
C GLY B 39 -16.87 -10.11 9.11
N PHE B 40 -16.73 -9.13 8.24
CA PHE B 40 -17.87 -8.65 7.46
C PHE B 40 -18.25 -9.43 6.19
N SER B 41 -19.54 -9.43 5.86
CA SER B 41 -20.01 -10.07 4.64
C SER B 41 -19.70 -8.94 3.66
N VAL B 42 -18.97 -9.24 2.59
CA VAL B 42 -18.56 -8.21 1.65
C VAL B 42 -18.91 -8.48 0.19
N ALA B 43 -19.22 -7.40 -0.53
CA ALA B 43 -19.51 -7.51 -1.96
C ALA B 43 -18.84 -6.34 -2.69
N ILE B 44 -18.19 -6.66 -3.81
CA ILE B 44 -17.53 -5.65 -4.63
C ILE B 44 -18.30 -5.48 -5.94
N LEU B 45 -18.85 -4.29 -6.15
CA LEU B 45 -19.62 -3.99 -7.34
C LEU B 45 -18.78 -3.22 -8.36
N ASP B 46 -18.79 -3.67 -9.62
CA ASP B 46 -18.08 -2.94 -10.67
C ASP B 46 -18.98 -2.83 -11.90
N LYS B 47 -19.02 -1.63 -12.49
CA LYS B 47 -19.85 -1.40 -13.68
C LYS B 47 -19.38 -2.20 -14.89
N ALA B 48 -18.14 -2.69 -14.83
CA ALA B 48 -17.57 -3.49 -15.92
C ALA B 48 -17.08 -4.80 -15.31
N VAL B 49 -16.04 -5.39 -15.91
CA VAL B 49 -15.46 -6.61 -15.36
C VAL B 49 -14.34 -6.15 -14.42
N ALA B 50 -14.09 -6.91 -13.37
CA ALA B 50 -13.07 -6.55 -12.38
C ALA B 50 -11.67 -6.36 -12.95
N GLY B 51 -10.88 -5.55 -12.26
CA GLY B 51 -9.51 -5.30 -12.67
C GLY B 51 -9.12 -3.85 -12.48
N GLY B 52 -9.96 -2.95 -12.96
CA GLY B 52 -9.68 -1.54 -12.84
C GLY B 52 -8.51 -1.15 -13.73
N LEU B 53 -8.03 0.08 -13.53
CA LEU B 53 -6.93 0.63 -14.30
C LEU B 53 -5.62 -0.17 -14.29
N THR B 54 -5.43 -1.04 -13.30
CA THR B 54 -4.21 -1.84 -13.20
C THR B 54 -4.01 -2.75 -14.41
N ALA B 55 -5.12 -3.31 -14.91
CA ALA B 55 -5.08 -4.21 -16.06
C ALA B 55 -4.61 -3.53 -17.35
N GLU B 56 -4.69 -2.20 -17.39
CA GLU B 56 -4.26 -1.43 -18.54
C GLU B 56 -2.81 -0.97 -18.38
N ALA B 57 -2.19 -1.34 -17.28
CA ALA B 57 -0.80 -0.95 -17.05
C ALA B 57 0.04 -1.93 -17.86
N PRO B 58 0.87 -1.41 -18.78
CA PRO B 58 1.72 -2.26 -19.62
C PRO B 58 2.71 -3.06 -18.79
N LEU B 59 3.47 -2.37 -17.94
CA LEU B 59 4.47 -3.05 -17.11
C LEU B 59 4.67 -2.38 -15.76
N VAL B 60 4.25 -3.04 -14.69
CA VAL B 60 4.36 -2.53 -13.33
C VAL B 60 5.63 -3.01 -12.62
N GLU B 61 6.53 -2.08 -12.31
CA GLU B 61 7.79 -2.44 -11.64
C GLU B 61 8.01 -1.70 -10.33
N ASN B 62 6.98 -0.99 -9.86
CA ASN B 62 7.14 -0.25 -8.62
C ASN B 62 6.15 -0.66 -7.52
N TYR B 63 5.60 -1.87 -7.60
CA TYR B 63 4.70 -2.38 -6.58
C TYR B 63 5.53 -3.43 -5.84
N LEU B 64 6.02 -3.06 -4.65
CA LEU B 64 6.89 -3.94 -3.85
C LEU B 64 6.57 -5.42 -3.82
N GLY B 65 7.47 -6.23 -4.34
CA GLY B 65 7.26 -7.67 -4.35
C GLY B 65 7.31 -8.27 -5.73
N PHE B 66 7.02 -7.45 -6.74
CA PHE B 66 7.07 -7.91 -8.13
C PHE B 66 8.07 -7.01 -8.85
N LYS B 67 9.26 -7.53 -9.14
CA LYS B 67 10.27 -6.75 -9.83
C LYS B 67 9.69 -6.17 -11.12
N SER B 68 9.04 -7.03 -11.89
CA SER B 68 8.42 -6.59 -13.14
C SER B 68 7.27 -7.52 -13.47
N ILE B 69 6.10 -6.95 -13.75
CA ILE B 69 4.94 -7.76 -14.05
C ILE B 69 3.91 -7.02 -14.91
N VAL B 70 3.44 -7.69 -15.95
CA VAL B 70 2.45 -7.08 -16.84
C VAL B 70 1.20 -6.72 -16.03
N GLY B 71 0.71 -5.49 -16.24
CA GLY B 71 -0.46 -5.03 -15.52
C GLY B 71 -1.65 -5.98 -15.50
N SER B 72 -1.99 -6.54 -16.66
CA SER B 72 -3.12 -7.46 -16.75
C SER B 72 -2.93 -8.67 -15.82
N GLU B 73 -1.68 -9.13 -15.71
CA GLU B 73 -1.31 -10.24 -14.85
C GLU B 73 -1.51 -9.91 -13.37
N LEU B 74 -1.01 -8.74 -12.95
CA LEU B 74 -1.15 -8.34 -11.55
C LEU B 74 -2.64 -8.19 -11.19
N ALA B 75 -3.42 -7.60 -12.09
CA ALA B 75 -4.85 -7.41 -11.83
C ALA B 75 -5.54 -8.75 -11.57
N LYS B 76 -5.18 -9.75 -12.36
CA LYS B 76 -5.77 -11.08 -12.19
C LYS B 76 -5.43 -11.59 -10.79
N LEU B 77 -4.15 -11.49 -10.42
CA LEU B 77 -3.69 -11.94 -9.10
C LEU B 77 -4.47 -11.25 -8.00
N PHE B 78 -4.73 -9.96 -8.20
CA PHE B 78 -5.47 -9.18 -7.22
C PHE B 78 -6.89 -9.72 -7.13
N ALA B 79 -7.52 -9.90 -8.28
CA ALA B 79 -8.90 -10.39 -8.34
C ALA B 79 -9.04 -11.78 -7.75
N ASP B 80 -8.07 -12.65 -8.00
CA ASP B 80 -8.11 -14.01 -7.48
C ASP B 80 -7.93 -13.99 -5.96
N HIS B 81 -7.14 -13.03 -5.49
CA HIS B 81 -6.90 -12.90 -4.07
C HIS B 81 -8.21 -12.45 -3.39
N ALA B 82 -8.79 -11.39 -3.93
CA ALA B 82 -10.02 -10.82 -3.37
C ALA B 82 -11.22 -11.75 -3.41
N ALA B 83 -11.31 -12.55 -4.46
CA ALA B 83 -12.42 -13.46 -4.65
C ALA B 83 -12.58 -14.43 -3.48
N ASN B 84 -11.47 -14.81 -2.87
CA ASN B 84 -11.48 -15.73 -1.73
C ASN B 84 -12.16 -15.10 -0.51
N TYR B 85 -12.39 -13.79 -0.54
CA TYR B 85 -13.01 -13.10 0.59
C TYR B 85 -14.34 -12.38 0.35
N ALA B 86 -14.62 -12.05 -0.91
CA ALA B 86 -15.85 -11.31 -1.19
C ALA B 86 -16.55 -11.72 -2.50
N LYS B 87 -17.78 -11.24 -2.65
CA LYS B 87 -18.54 -11.51 -3.86
C LYS B 87 -18.28 -10.36 -4.81
N ILE B 88 -17.80 -10.68 -6.00
CA ILE B 88 -17.48 -9.69 -7.00
C ILE B 88 -18.57 -9.70 -8.08
N ARG B 89 -19.43 -8.69 -8.05
CA ARG B 89 -20.53 -8.55 -9.02
C ARG B 89 -20.12 -7.64 -10.17
N GLU B 90 -19.71 -8.22 -11.29
CA GLU B 90 -19.31 -7.44 -12.45
C GLU B 90 -20.55 -7.00 -13.23
N GLY B 91 -20.44 -5.89 -13.94
CA GLY B 91 -21.57 -5.41 -14.72
C GLY B 91 -22.64 -4.69 -13.92
N VAL B 92 -22.37 -4.38 -12.66
CA VAL B 92 -23.35 -3.66 -11.87
C VAL B 92 -22.77 -2.28 -11.56
N GLU B 93 -23.52 -1.25 -11.91
CA GLU B 93 -23.08 0.12 -11.71
C GLU B 93 -23.87 0.84 -10.65
N VAL B 94 -23.18 1.37 -9.66
CA VAL B 94 -23.84 2.11 -8.60
C VAL B 94 -24.22 3.46 -9.19
N ARG B 95 -25.48 3.83 -9.00
CA ARG B 95 -26.01 5.07 -9.55
C ARG B 95 -26.20 6.11 -8.45
N SER B 96 -26.42 5.66 -7.22
CA SER B 96 -26.58 6.56 -6.09
C SER B 96 -26.36 5.84 -4.76
N ILE B 97 -26.14 6.62 -3.72
CA ILE B 97 -25.93 6.10 -2.38
C ILE B 97 -26.75 6.94 -1.43
N LYS B 98 -27.69 6.30 -0.74
CA LYS B 98 -28.55 7.02 0.20
C LYS B 98 -28.52 6.36 1.57
N LYS B 99 -28.35 7.18 2.60
CA LYS B 99 -28.30 6.67 3.96
C LYS B 99 -29.69 6.46 4.54
N THR B 100 -29.92 5.23 5.02
CA THR B 100 -31.19 4.85 5.63
C THR B 100 -30.90 4.51 7.09
N GLN B 101 -31.95 4.13 7.84
CA GLN B 101 -31.78 3.78 9.24
C GLN B 101 -30.77 2.63 9.41
N GLY B 102 -31.01 1.53 8.71
CA GLY B 102 -30.13 0.38 8.81
C GLY B 102 -28.75 0.56 8.21
N GLY B 103 -28.54 1.66 7.50
CA GLY B 103 -27.26 1.89 6.89
C GLY B 103 -27.33 2.66 5.59
N PHE B 104 -27.27 1.95 4.47
CA PHE B 104 -27.30 2.61 3.16
C PHE B 104 -28.04 1.84 2.08
N ASP B 105 -28.69 2.59 1.20
CA ASP B 105 -29.40 2.04 0.06
C ASP B 105 -28.52 2.45 -1.12
N ILE B 106 -28.22 1.48 -1.99
CA ILE B 106 -27.34 1.71 -3.14
C ILE B 106 -28.06 1.33 -4.43
N GLU B 107 -28.62 2.32 -5.12
CA GLU B 107 -29.34 2.08 -6.38
C GLU B 107 -28.35 1.77 -7.49
N THR B 108 -28.60 0.68 -8.22
CA THR B 108 -27.73 0.29 -9.31
C THR B 108 -28.56 0.03 -10.57
N ASN B 109 -27.91 -0.54 -11.58
CA ASN B 109 -28.55 -0.87 -12.84
C ASN B 109 -28.96 -2.33 -12.75
N ASP B 110 -29.11 -2.82 -11.52
CA ASP B 110 -29.47 -4.21 -11.26
C ASP B 110 -30.07 -4.34 -9.85
N ASP B 111 -31.11 -3.56 -9.59
CA ASP B 111 -31.77 -3.54 -8.30
C ASP B 111 -30.96 -2.80 -7.25
N THR B 112 -31.62 -2.52 -6.13
CA THR B 112 -31.00 -1.83 -5.02
C THR B 112 -30.23 -2.78 -4.12
N TYR B 113 -29.00 -2.42 -3.78
CA TYR B 113 -28.23 -3.24 -2.86
C TYR B 113 -28.33 -2.54 -1.51
N HIS B 114 -28.07 -3.28 -0.44
CA HIS B 114 -28.13 -2.69 0.90
C HIS B 114 -26.86 -3.05 1.64
N ALA B 115 -26.37 -2.11 2.44
CA ALA B 115 -25.14 -2.30 3.21
C ALA B 115 -25.18 -1.46 4.48
N LYS B 116 -24.47 -1.92 5.51
CA LYS B 116 -24.38 -1.17 6.76
C LYS B 116 -23.35 -0.08 6.52
N TYR B 117 -22.27 -0.43 5.81
CA TYR B 117 -21.18 0.51 5.50
C TYR B 117 -20.75 0.41 4.03
N VAL B 118 -20.20 1.50 3.50
CA VAL B 118 -19.74 1.49 2.13
C VAL B 118 -18.39 2.16 1.94
N ILE B 119 -17.58 1.57 1.07
CA ILE B 119 -16.25 2.04 0.75
C ILE B 119 -16.22 2.35 -0.76
N ILE B 120 -15.90 3.60 -1.09
CA ILE B 120 -15.84 4.06 -2.49
C ILE B 120 -14.43 3.94 -3.06
N THR B 121 -14.26 3.07 -4.04
CA THR B 121 -12.96 2.86 -4.66
C THR B 121 -13.17 2.79 -6.18
N THR B 122 -13.87 3.78 -6.73
CA THR B 122 -14.17 3.83 -8.15
C THR B 122 -13.08 4.43 -9.06
N GLY B 123 -11.91 4.70 -8.48
CA GLY B 123 -10.80 5.24 -9.26
C GLY B 123 -11.11 6.43 -10.17
N THR B 124 -10.57 6.39 -11.38
CA THR B 124 -10.75 7.47 -12.35
C THR B 124 -10.92 6.96 -13.77
N THR B 125 -11.41 7.84 -14.65
CA THR B 125 -11.60 7.53 -16.06
C THR B 125 -10.67 8.44 -16.87
N HIS B 126 -10.33 8.02 -18.08
CA HIS B 126 -9.44 8.81 -18.94
C HIS B 126 -10.06 10.12 -19.39
N LYS B 127 -9.24 11.16 -19.49
CA LYS B 127 -9.72 12.47 -19.92
C LYS B 127 -9.64 12.60 -21.45
N HIS B 128 -10.58 13.35 -22.02
CA HIS B 128 -10.64 13.55 -23.46
C HIS B 128 -9.96 14.85 -23.89
N LEU B 129 -9.27 14.80 -25.02
CA LEU B 129 -8.57 15.96 -25.58
C LEU B 129 -9.52 17.12 -25.85
N GLY B 130 -10.59 16.84 -26.60
CA GLY B 130 -11.54 17.87 -26.92
C GLY B 130 -11.22 18.58 -28.23
N VAL B 131 -10.47 17.92 -29.10
CA VAL B 131 -10.10 18.49 -30.39
C VAL B 131 -10.91 17.82 -31.51
N LYS B 132 -10.91 18.48 -32.68
CA LYS B 132 -11.65 17.98 -33.84
C LYS B 132 -11.06 16.68 -34.38
N GLY B 133 -11.92 15.67 -34.58
CA GLY B 133 -11.45 14.40 -35.10
C GLY B 133 -11.28 13.32 -34.06
N GLU B 134 -11.27 13.72 -32.79
CA GLU B 134 -11.11 12.76 -31.71
C GLU B 134 -12.31 11.81 -31.66
N SER B 135 -13.51 12.38 -31.71
CA SER B 135 -14.72 11.56 -31.69
C SER B 135 -14.86 10.77 -32.99
N GLU B 136 -14.94 11.50 -34.09
CA GLU B 136 -15.13 10.90 -35.41
C GLU B 136 -14.07 9.91 -35.86
N TYR B 137 -13.13 9.58 -34.99
CA TYR B 137 -12.10 8.62 -35.38
C TYR B 137 -11.84 7.60 -34.30
N PHE B 138 -12.68 7.61 -33.27
CA PHE B 138 -12.55 6.67 -32.18
C PHE B 138 -12.79 5.25 -32.71
N GLY B 139 -11.84 4.35 -32.44
CA GLY B 139 -11.97 2.98 -32.91
C GLY B 139 -11.47 2.82 -34.34
N LYS B 140 -11.06 3.95 -34.92
CA LYS B 140 -10.55 3.97 -36.28
C LYS B 140 -9.13 4.50 -36.25
N GLY B 141 -8.42 4.24 -35.15
CA GLY B 141 -7.06 4.71 -35.01
C GLY B 141 -6.81 5.36 -33.67
N THR B 142 -7.85 6.01 -33.14
CA THR B 142 -7.81 6.69 -31.85
C THR B 142 -8.03 5.67 -30.74
N SER B 143 -7.47 5.95 -29.56
CA SER B 143 -7.60 5.03 -28.43
C SER B 143 -7.10 5.62 -27.11
N TYR B 144 -7.49 5.02 -25.99
CA TYR B 144 -7.08 5.46 -24.67
C TYR B 144 -6.50 4.30 -23.87
N CYS B 145 -6.13 3.23 -24.57
CA CYS B 145 -5.56 2.07 -23.91
C CYS B 145 -4.69 1.27 -24.88
N SER B 146 -3.37 1.45 -24.75
CA SER B 146 -2.40 0.78 -25.61
C SER B 146 -2.38 -0.73 -25.41
N THR B 147 -2.60 -1.17 -24.17
CA THR B 147 -2.61 -2.61 -23.89
C THR B 147 -3.81 -3.26 -24.59
N CYS B 148 -4.85 -2.46 -24.82
CA CYS B 148 -6.06 -2.94 -25.49
C CYS B 148 -5.95 -2.96 -27.01
N ASP B 149 -5.58 -1.81 -27.59
CA ASP B 149 -5.50 -1.67 -29.04
C ASP B 149 -4.11 -1.47 -29.65
N GLY B 150 -3.09 -1.40 -28.81
CA GLY B 150 -1.73 -1.20 -29.32
C GLY B 150 -1.25 -2.26 -30.29
N TYR B 151 -1.52 -3.52 -30.00
CA TYR B 151 -1.06 -4.61 -30.85
C TYR B 151 -1.54 -4.49 -32.31
N LEU B 152 -2.64 -3.78 -32.54
CA LEU B 152 -3.17 -3.63 -33.89
C LEU B 152 -2.17 -2.90 -34.78
N PHE B 153 -1.54 -1.87 -34.23
CA PHE B 153 -0.57 -1.08 -35.00
C PHE B 153 0.83 -1.66 -34.95
N LYS B 154 0.91 -2.98 -34.79
CA LYS B 154 2.20 -3.67 -34.74
C LYS B 154 2.90 -3.56 -36.09
N GLY B 155 3.81 -2.59 -36.19
CA GLY B 155 4.55 -2.40 -37.43
C GLY B 155 4.22 -1.09 -38.12
N LYS B 156 3.28 -0.34 -37.55
CA LYS B 156 2.86 0.94 -38.12
C LYS B 156 3.35 2.13 -37.30
N ARG B 157 3.03 3.33 -37.76
CA ARG B 157 3.45 4.55 -37.07
C ARG B 157 2.42 4.97 -36.02
N VAL B 158 2.88 5.40 -34.85
CA VAL B 158 1.96 5.81 -33.79
C VAL B 158 2.44 7.04 -33.02
N VAL B 159 1.48 7.71 -32.39
CA VAL B 159 1.75 8.90 -31.58
C VAL B 159 0.89 8.84 -30.32
N THR B 160 1.51 9.07 -29.16
CA THR B 160 0.78 9.06 -27.91
C THR B 160 0.76 10.51 -27.41
N ILE B 161 -0.44 11.04 -27.18
CA ILE B 161 -0.59 12.40 -26.69
C ILE B 161 -0.59 12.39 -25.17
N GLY B 162 0.41 13.04 -24.58
CA GLY B 162 0.55 13.06 -23.14
C GLY B 162 1.83 12.36 -22.77
N GLY B 163 2.72 13.07 -22.10
CA GLY B 163 4.00 12.50 -21.71
C GLY B 163 4.14 12.20 -20.23
N GLY B 164 3.02 11.99 -19.55
CA GLY B 164 3.06 11.65 -18.13
C GLY B 164 3.58 10.23 -17.98
N ASN B 165 3.55 9.71 -16.74
CA ASN B 165 4.02 8.34 -16.52
C ASN B 165 3.24 7.34 -17.36
N SER B 166 1.92 7.51 -17.41
CA SER B 166 1.04 6.63 -18.18
C SER B 166 1.38 6.67 -19.66
N GLY B 167 1.32 7.88 -20.23
CA GLY B 167 1.64 8.03 -21.64
C GLY B 167 3.03 7.51 -21.97
N ALA B 168 4.00 7.83 -21.12
CA ALA B 168 5.38 7.40 -21.32
C ALA B 168 5.51 5.89 -21.43
N ILE B 169 5.08 5.18 -20.40
CA ILE B 169 5.16 3.72 -20.40
C ILE B 169 4.31 3.11 -21.53
N ALA B 170 3.31 3.85 -22.00
CA ALA B 170 2.49 3.35 -23.11
C ALA B 170 3.38 3.36 -24.35
N ALA B 171 4.08 4.47 -24.55
CA ALA B 171 4.99 4.63 -25.69
C ALA B 171 6.16 3.64 -25.59
N ILE B 172 6.73 3.51 -24.40
CA ILE B 172 7.85 2.60 -24.21
C ILE B 172 7.47 1.16 -24.45
N SER B 173 6.27 0.76 -24.04
CA SER B 173 5.84 -0.62 -24.24
C SER B 173 5.59 -0.94 -25.71
N MET B 174 4.94 -0.02 -26.42
CA MET B 174 4.64 -0.23 -27.83
C MET B 174 5.88 -0.26 -28.72
N SER B 175 6.87 0.56 -28.41
CA SER B 175 8.10 0.63 -29.22
C SER B 175 8.76 -0.72 -29.44
N GLU B 176 8.15 -1.78 -28.91
CA GLU B 176 8.68 -3.13 -29.05
C GLU B 176 8.09 -3.88 -30.23
N TYR B 177 7.00 -3.37 -30.80
CA TYR B 177 6.36 -4.03 -31.93
C TYR B 177 5.86 -3.08 -33.01
N VAL B 178 6.00 -1.79 -32.78
CA VAL B 178 5.56 -0.79 -33.74
C VAL B 178 6.71 -0.32 -34.63
N LYS B 179 6.39 0.57 -35.56
CA LYS B 179 7.38 1.12 -36.49
C LYS B 179 8.16 2.21 -35.75
N ASN B 180 7.42 3.18 -35.23
CA ASN B 180 7.99 4.28 -34.48
C ASN B 180 6.93 4.87 -33.56
N VAL B 181 7.37 5.66 -32.58
CA VAL B 181 6.47 6.27 -31.62
C VAL B 181 6.92 7.68 -31.26
N THR B 182 6.00 8.63 -31.32
CA THR B 182 6.30 10.02 -30.99
C THR B 182 5.38 10.50 -29.88
N ILE B 183 5.97 10.91 -28.77
CA ILE B 183 5.18 11.41 -27.64
C ILE B 183 4.99 12.90 -27.88
N ILE B 184 3.88 13.45 -27.40
CA ILE B 184 3.61 14.87 -27.54
C ILE B 184 3.13 15.44 -26.21
N GLU B 185 4.05 16.09 -25.51
CA GLU B 185 3.76 16.67 -24.21
C GLU B 185 3.41 18.15 -24.29
N TYR B 186 2.35 18.52 -23.57
CA TYR B 186 1.88 19.90 -23.54
C TYR B 186 2.84 20.77 -22.72
N MET B 187 3.18 20.31 -21.52
CA MET B 187 4.10 21.03 -20.65
C MET B 187 5.45 21.08 -21.35
N PRO B 188 6.27 22.12 -21.08
CA PRO B 188 7.59 22.30 -21.70
C PRO B 188 8.64 21.20 -21.45
N LYS B 189 8.74 20.72 -20.22
CA LYS B 189 9.73 19.69 -19.92
C LYS B 189 9.10 18.31 -19.77
N TYR B 190 9.93 17.30 -19.52
CA TYR B 190 9.43 15.94 -19.33
C TYR B 190 8.44 15.93 -18.16
N MET B 191 7.41 15.09 -18.25
CA MET B 191 6.42 15.01 -17.18
C MET B 191 6.30 13.60 -16.62
N CYS B 192 7.24 12.74 -17.00
CA CYS B 192 7.25 11.36 -16.51
C CYS B 192 8.50 11.13 -15.67
N GLU B 193 8.38 10.29 -14.63
CA GLU B 193 9.50 10.00 -13.74
C GLU B 193 10.79 9.70 -14.50
N ASN B 194 11.92 10.03 -13.87
CA ASN B 194 13.23 9.83 -14.46
C ASN B 194 13.51 8.43 -15.05
N ALA B 195 13.00 7.39 -14.42
CA ALA B 195 13.24 6.04 -14.94
C ALA B 195 12.72 5.93 -16.37
N TYR B 196 11.58 6.57 -16.64
CA TYR B 196 11.00 6.53 -17.98
C TYR B 196 11.73 7.48 -18.93
N VAL B 197 12.27 8.56 -18.39
CA VAL B 197 13.00 9.53 -19.20
C VAL B 197 14.23 8.89 -19.84
N GLN B 198 15.00 8.15 -19.04
CA GLN B 198 16.21 7.51 -19.56
C GLN B 198 15.93 6.30 -20.43
N GLU B 199 14.70 5.80 -20.38
CA GLU B 199 14.30 4.66 -21.21
C GLU B 199 13.94 5.19 -22.59
N ILE B 200 13.30 6.35 -22.59
CA ILE B 200 12.89 7.02 -23.82
C ILE B 200 14.12 7.38 -24.64
N LYS B 201 15.05 8.13 -24.03
CA LYS B 201 16.27 8.53 -24.71
C LYS B 201 17.00 7.33 -25.27
N LYS B 202 17.14 6.29 -24.45
CA LYS B 202 17.82 5.07 -24.88
C LYS B 202 17.21 4.52 -26.17
N ARG B 203 15.89 4.36 -26.18
CA ARG B 203 15.19 3.82 -27.34
C ARG B 203 15.08 4.81 -28.51
N ASN B 204 15.51 6.04 -28.28
CA ASN B 204 15.48 7.09 -29.30
C ASN B 204 14.05 7.48 -29.68
N ILE B 205 13.14 7.37 -28.72
CA ILE B 205 11.75 7.73 -28.96
C ILE B 205 11.58 9.24 -28.83
N PRO B 206 11.27 9.93 -29.93
CA PRO B 206 11.10 11.37 -29.86
C PRO B 206 10.09 11.79 -28.79
N TYR B 207 10.36 12.90 -28.12
CA TYR B 207 9.50 13.41 -27.07
C TYR B 207 9.27 14.91 -27.28
N ILE B 208 8.38 15.22 -28.22
CA ILE B 208 8.05 16.60 -28.54
C ILE B 208 7.44 17.28 -27.33
N MET B 209 8.03 18.40 -26.91
CA MET B 209 7.52 19.13 -25.76
C MET B 209 6.87 20.45 -26.16
N ASN B 210 6.14 21.05 -25.23
CA ASN B 210 5.46 22.31 -25.47
C ASN B 210 4.58 22.26 -26.72
N ALA B 211 4.02 21.08 -26.99
CA ALA B 211 3.15 20.88 -28.14
C ALA B 211 1.70 20.78 -27.68
N GLN B 212 0.80 21.48 -28.37
CA GLN B 212 -0.62 21.50 -28.04
C GLN B 212 -1.46 20.99 -29.20
N VAL B 213 -1.81 19.70 -29.16
CA VAL B 213 -2.62 19.08 -30.22
C VAL B 213 -3.85 19.90 -30.60
N THR B 214 -4.01 20.14 -31.90
CA THR B 214 -5.14 20.92 -32.41
C THR B 214 -6.12 20.10 -33.22
N GLU B 215 -5.68 18.97 -33.75
CA GLU B 215 -6.57 18.16 -34.55
C GLU B 215 -6.04 16.78 -34.90
N ILE B 216 -6.92 15.79 -34.89
CA ILE B 216 -6.57 14.42 -35.27
C ILE B 216 -7.17 14.26 -36.66
N VAL B 217 -6.32 14.06 -37.66
CA VAL B 217 -6.78 13.94 -39.04
C VAL B 217 -6.71 12.54 -39.63
N GLY B 218 -7.61 12.29 -40.56
CA GLY B 218 -7.68 11.01 -41.24
C GLY B 218 -8.37 11.19 -42.58
N ASP B 219 -8.49 10.11 -43.35
CA ASP B 219 -9.13 10.15 -44.65
C ASP B 219 -10.62 9.85 -44.58
N GLY B 220 -11.18 9.92 -43.38
CA GLY B 220 -12.60 9.64 -43.21
C GLY B 220 -12.93 8.20 -42.88
N LYS B 221 -11.96 7.31 -43.04
CA LYS B 221 -12.17 5.89 -42.76
C LYS B 221 -11.12 5.36 -41.79
N LYS B 222 -9.96 6.01 -41.76
CA LYS B 222 -8.85 5.61 -40.89
C LYS B 222 -7.94 6.79 -40.62
N VAL B 223 -7.36 6.85 -39.42
CA VAL B 223 -6.47 7.94 -39.04
C VAL B 223 -5.18 7.91 -39.85
N THR B 224 -4.69 9.10 -40.22
CA THR B 224 -3.46 9.22 -40.99
C THR B 224 -2.42 10.13 -40.35
N GLY B 225 -2.86 11.07 -39.51
CA GLY B 225 -1.93 11.97 -38.86
C GLY B 225 -2.54 12.92 -37.85
N VAL B 226 -1.69 13.62 -37.10
CA VAL B 226 -2.14 14.56 -36.08
C VAL B 226 -1.42 15.91 -36.18
N LYS B 227 -2.17 16.99 -35.99
CA LYS B 227 -1.63 18.35 -36.07
C LYS B 227 -1.54 19.03 -34.70
N TYR B 228 -0.42 19.70 -34.44
CA TYR B 228 -0.20 20.39 -33.18
C TYR B 228 0.50 21.73 -33.35
N LYS B 229 0.14 22.67 -32.49
CA LYS B 229 0.72 24.01 -32.50
C LYS B 229 1.68 24.18 -31.34
N ASP B 230 2.95 24.42 -31.63
CA ASP B 230 3.94 24.62 -30.58
C ASP B 230 3.56 25.86 -29.77
N ARG B 231 3.25 25.67 -28.49
CA ARG B 231 2.85 26.77 -27.61
C ARG B 231 3.81 27.96 -27.57
N THR B 232 5.00 27.78 -28.14
CA THR B 232 5.97 28.87 -28.16
C THR B 232 5.89 29.63 -29.48
N THR B 233 6.57 29.12 -30.50
CA THR B 233 6.58 29.74 -31.82
C THR B 233 5.17 30.07 -32.29
N GLY B 234 4.19 29.32 -31.80
CA GLY B 234 2.81 29.55 -32.18
C GLY B 234 2.43 28.85 -33.48
N GLU B 235 3.43 28.32 -34.20
CA GLU B 235 3.20 27.65 -35.46
C GLU B 235 2.34 26.39 -35.32
N GLU B 236 2.25 25.62 -36.40
CA GLU B 236 1.48 24.38 -36.42
C GLU B 236 2.08 23.38 -37.40
N LYS B 237 2.37 22.17 -36.91
CA LYS B 237 2.97 21.14 -37.73
C LYS B 237 2.08 19.91 -37.88
N LEU B 238 2.60 18.90 -38.59
CA LEU B 238 1.87 17.67 -38.82
C LEU B 238 2.80 16.46 -38.73
N ILE B 239 2.27 15.32 -38.31
CA ILE B 239 3.06 14.09 -38.20
C ILE B 239 2.31 12.90 -38.78
N GLU B 240 3.05 12.02 -39.45
CA GLU B 240 2.45 10.83 -40.06
C GLU B 240 2.38 9.67 -39.09
N THR B 241 1.16 9.32 -38.68
CA THR B 241 0.93 8.22 -37.77
C THR B 241 -0.31 7.45 -38.17
N ASP B 242 -0.33 6.16 -37.87
CA ASP B 242 -1.47 5.30 -38.17
C ASP B 242 -2.39 5.33 -36.96
N GLY B 243 -1.80 5.16 -35.78
CA GLY B 243 -2.57 5.16 -34.56
C GLY B 243 -2.13 6.18 -33.53
N VAL B 244 -3.11 6.71 -32.81
CA VAL B 244 -2.86 7.70 -31.77
C VAL B 244 -3.48 7.24 -30.45
N PHE B 245 -2.71 7.34 -29.37
CA PHE B 245 -3.18 6.96 -28.05
C PHE B 245 -3.15 8.17 -27.13
N ILE B 246 -4.26 8.38 -26.44
CA ILE B 246 -4.43 9.53 -25.56
C ILE B 246 -4.34 9.26 -24.06
N TYR B 247 -3.48 10.02 -23.40
CA TYR B 247 -3.28 9.94 -21.97
C TYR B 247 -2.96 11.35 -21.50
N VAL B 248 -3.96 12.23 -21.59
CA VAL B 248 -3.77 13.61 -21.20
C VAL B 248 -4.36 13.96 -19.84
N GLY B 249 -4.72 12.95 -19.06
CA GLY B 249 -5.28 13.23 -17.76
C GLY B 249 -6.24 12.19 -17.22
N LEU B 250 -6.91 12.55 -16.13
CA LEU B 250 -7.84 11.64 -15.49
C LEU B 250 -8.97 12.42 -14.83
N ILE B 251 -10.12 11.77 -14.68
CA ILE B 251 -11.31 12.38 -14.08
C ILE B 251 -11.83 11.44 -12.98
N PRO B 252 -12.13 11.99 -11.79
CA PRO B 252 -12.63 11.19 -10.68
C PRO B 252 -14.00 10.61 -11.00
N GLN B 253 -14.20 9.33 -10.74
CA GLN B 253 -15.48 8.69 -10.99
C GLN B 253 -16.41 8.97 -9.80
N THR B 254 -16.82 10.23 -9.63
CA THR B 254 -17.67 10.61 -8.51
C THR B 254 -19.02 11.28 -8.82
N SER B 255 -19.42 11.29 -10.08
CA SER B 255 -20.70 11.93 -10.42
C SER B 255 -21.89 11.26 -9.75
N PHE B 256 -21.83 9.93 -9.61
CA PHE B 256 -22.92 9.17 -8.98
C PHE B 256 -23.12 9.57 -7.51
N LEU B 257 -22.21 10.40 -6.99
CA LEU B 257 -22.28 10.84 -5.60
C LEU B 257 -23.12 12.08 -5.38
N LYS B 258 -23.60 12.68 -6.47
CA LYS B 258 -24.43 13.88 -6.39
C LYS B 258 -25.54 13.72 -5.34
N ASP B 259 -25.66 14.72 -4.47
CA ASP B 259 -26.68 14.73 -3.42
C ASP B 259 -26.55 13.62 -2.36
N SER B 260 -25.40 12.93 -2.33
CA SER B 260 -25.17 11.88 -1.35
C SER B 260 -24.70 12.52 -0.05
N GLY B 261 -24.06 13.68 -0.19
CA GLY B 261 -23.55 14.40 0.97
C GLY B 261 -22.06 14.24 1.18
N VAL B 262 -21.40 13.43 0.36
CA VAL B 262 -19.96 13.23 0.47
C VAL B 262 -19.21 14.41 -0.15
N LYS B 263 -18.38 15.06 0.65
CA LYS B 263 -17.61 16.20 0.19
C LYS B 263 -16.57 15.84 -0.87
N LEU B 264 -16.53 16.63 -1.93
CA LEU B 264 -15.58 16.43 -3.01
C LEU B 264 -14.81 17.73 -3.13
N ASP B 265 -13.59 17.69 -3.66
CA ASP B 265 -12.82 18.91 -3.81
C ASP B 265 -13.21 19.60 -5.12
N GLU B 266 -12.71 20.80 -5.32
CA GLU B 266 -13.02 21.57 -6.52
C GLU B 266 -12.84 20.80 -7.83
N ARG B 267 -12.12 19.68 -7.78
CA ARG B 267 -11.90 18.90 -8.99
C ARG B 267 -12.69 17.61 -9.06
N GLY B 268 -13.51 17.34 -8.05
CA GLY B 268 -14.33 16.14 -8.05
C GLY B 268 -13.82 14.92 -7.29
N TYR B 269 -12.66 15.02 -6.64
CA TYR B 269 -12.12 13.90 -5.87
C TYR B 269 -12.71 13.86 -4.47
N ILE B 270 -12.95 12.68 -3.93
CA ILE B 270 -13.52 12.57 -2.59
C ILE B 270 -12.50 13.03 -1.54
N VAL B 271 -12.92 13.89 -0.62
CA VAL B 271 -12.02 14.37 0.42
C VAL B 271 -12.18 13.45 1.65
N VAL B 272 -11.07 12.88 2.09
CA VAL B 272 -11.08 12.00 3.25
C VAL B 272 -10.10 12.43 4.31
N ASP B 273 -10.29 11.95 5.54
CA ASP B 273 -9.36 12.27 6.61
C ASP B 273 -8.22 11.25 6.57
N SER B 274 -7.36 11.30 7.57
CA SER B 274 -6.21 10.39 7.69
C SER B 274 -6.65 8.94 7.83
N ARG B 275 -7.91 8.71 8.16
CA ARG B 275 -8.39 7.35 8.31
C ARG B 275 -9.35 6.94 7.18
N GLN B 276 -9.20 7.59 6.02
CA GLN B 276 -10.01 7.29 4.84
C GLN B 276 -11.51 7.55 4.98
N ARG B 277 -11.91 8.35 5.96
CA ARG B 277 -13.34 8.63 6.14
C ARG B 277 -13.80 9.78 5.26
N THR B 278 -14.94 9.63 4.60
CA THR B 278 -15.51 10.71 3.78
C THR B 278 -16.24 11.61 4.76
N SER B 279 -17.04 12.55 4.27
CA SER B 279 -17.77 13.43 5.19
C SER B 279 -19.04 12.77 5.70
N VAL B 280 -19.37 11.60 5.16
CA VAL B 280 -20.57 10.88 5.58
C VAL B 280 -20.26 9.65 6.44
N PRO B 281 -20.78 9.63 7.67
CA PRO B 281 -20.55 8.50 8.59
C PRO B 281 -20.98 7.21 7.92
N GLY B 282 -20.11 6.20 7.98
CA GLY B 282 -20.41 4.91 7.36
C GLY B 282 -19.89 4.79 5.94
N VAL B 283 -19.40 5.89 5.38
CA VAL B 283 -18.87 5.87 4.02
C VAL B 283 -17.41 6.25 3.98
N TYR B 284 -16.57 5.36 3.45
CA TYR B 284 -15.14 5.57 3.34
C TYR B 284 -14.71 5.49 1.89
N ALA B 285 -13.50 5.97 1.61
CA ALA B 285 -12.98 5.95 0.25
C ALA B 285 -11.46 5.77 0.22
N ALA B 286 -10.95 5.24 -0.88
CA ALA B 286 -9.51 5.00 -1.06
C ALA B 286 -9.12 4.82 -2.53
N GLY B 287 -7.88 5.16 -2.85
CA GLY B 287 -7.39 5.00 -4.21
C GLY B 287 -7.36 6.28 -5.03
N ASP B 288 -7.29 6.13 -6.34
CA ASP B 288 -7.25 7.26 -7.28
C ASP B 288 -8.46 8.20 -7.16
N VAL B 289 -9.53 7.73 -6.54
CA VAL B 289 -10.71 8.57 -6.39
C VAL B 289 -10.59 9.66 -5.30
N THR B 290 -9.72 9.44 -4.33
CA THR B 290 -9.55 10.39 -3.22
C THR B 290 -8.68 11.62 -3.55
N SER B 291 -9.10 12.79 -3.10
CA SER B 291 -8.34 13.99 -3.37
C SER B 291 -6.96 13.94 -2.75
N GLY B 292 -5.96 14.23 -3.57
CA GLY B 292 -4.58 14.23 -3.11
C GLY B 292 -3.85 12.91 -3.31
N ASN B 293 -4.56 11.89 -3.79
CA ASN B 293 -3.97 10.58 -4.00
C ASN B 293 -2.72 10.67 -4.87
N PHE B 294 -1.81 9.70 -4.73
CA PHE B 294 -0.56 9.70 -5.50
C PHE B 294 -0.65 8.85 -6.78
N ALA B 295 -1.86 8.42 -7.10
CA ALA B 295 -2.13 7.66 -8.31
C ALA B 295 -1.23 6.44 -8.59
N GLN B 296 -0.99 5.62 -7.58
CA GLN B 296 -0.17 4.41 -7.77
C GLN B 296 -0.90 3.21 -7.19
N ILE B 297 -0.60 2.03 -7.72
CA ILE B 297 -1.21 0.81 -7.23
C ILE B 297 -0.89 0.66 -5.73
N ALA B 298 0.39 0.79 -5.40
CA ALA B 298 0.88 0.68 -4.02
C ALA B 298 0.09 1.48 -3.01
N SER B 299 -0.05 2.78 -3.27
CA SER B 299 -0.77 3.63 -2.32
C SER B 299 -2.25 3.28 -2.32
N ALA B 300 -2.74 2.81 -3.46
CA ALA B 300 -4.13 2.44 -3.57
C ALA B 300 -4.38 1.24 -2.66
N VAL B 301 -3.49 0.25 -2.73
CA VAL B 301 -3.61 -0.94 -1.91
C VAL B 301 -3.55 -0.55 -0.45
N GLY B 302 -2.57 0.31 -0.16
CA GLY B 302 -2.37 0.79 1.20
C GLY B 302 -3.61 1.46 1.76
N ASP B 303 -4.15 2.45 1.05
CA ASP B 303 -5.34 3.15 1.54
C ASP B 303 -6.57 2.22 1.60
N GLY B 304 -6.63 1.28 0.67
CA GLY B 304 -7.75 0.34 0.66
C GLY B 304 -7.71 -0.43 1.97
N CYS B 305 -6.49 -0.76 2.40
CA CYS B 305 -6.25 -1.49 3.65
C CYS B 305 -6.74 -0.62 4.81
N LYS B 306 -6.30 0.64 4.83
CA LYS B 306 -6.71 1.56 5.90
C LYS B 306 -8.23 1.74 5.97
N ALA B 307 -8.86 1.99 4.83
CA ALA B 307 -10.31 2.19 4.79
C ALA B 307 -11.05 1.05 5.51
N ALA B 308 -10.74 -0.19 5.14
CA ALA B 308 -11.39 -1.34 5.75
C ALA B 308 -11.11 -1.47 7.24
N LEU B 309 -9.86 -1.23 7.63
CA LEU B 309 -9.50 -1.33 9.04
C LEU B 309 -10.18 -0.21 9.81
N SER B 310 -10.27 0.96 9.19
CA SER B 310 -10.90 2.14 9.80
C SER B 310 -12.40 1.89 9.95
N LEU B 311 -12.98 1.29 8.92
CA LEU B 311 -14.38 0.93 8.92
C LEU B 311 -14.63 -0.01 10.11
N TYR B 312 -13.75 -0.98 10.29
CA TYR B 312 -13.91 -1.94 11.37
C TYR B 312 -13.84 -1.22 12.71
N SER B 313 -12.78 -0.43 12.86
CA SER B 313 -12.56 0.34 14.07
C SER B 313 -13.80 1.13 14.46
N ASP B 314 -14.38 1.85 13.51
CA ASP B 314 -15.58 2.63 13.81
C ASP B 314 -16.80 1.75 14.11
N SER B 315 -16.87 0.54 13.56
CA SER B 315 -18.03 -0.32 13.79
C SER B 315 -18.19 -0.73 15.26
N ILE B 316 -17.09 -0.68 16.00
CA ILE B 316 -17.13 -1.02 17.42
C ILE B 316 -16.89 0.23 18.27
N SER B 317 -17.10 0.10 19.57
CA SER B 317 -16.93 1.21 20.52
C SER B 317 -17.65 0.90 21.84
PA FAD C . 9.80 -2.63 10.22
O1A FAD C . 9.50 -3.82 9.38
O2A FAD C . 9.57 -2.68 11.69
O5B FAD C . 11.32 -2.26 9.89
C5B FAD C . 12.10 -1.19 10.47
C4B FAD C . 13.54 -1.50 10.10
O4B FAD C . 14.41 -0.40 10.44
C3B FAD C . 14.15 -2.77 10.75
O3B FAD C . 14.71 -3.69 9.85
C2B FAD C . 15.16 -2.22 11.77
O2B FAD C . 16.25 -3.02 12.12
C1B FAD C . 15.55 -0.88 11.18
N9A FAD C . 15.91 0.15 12.16
C8A FAD C . 15.28 0.50 13.32
N7A FAD C . 15.86 1.48 13.98
C5A FAD C . 16.96 1.80 13.20
C6A FAD C . 18.02 2.77 13.35
N6A FAD C . 18.06 3.60 14.41
N1A FAD C . 18.99 2.84 12.39
C2A FAD C . 18.91 1.97 11.32
N3A FAD C . 17.98 1.02 11.08
C4A FAD C . 17.00 1.00 12.10
N1 FAD C . 1.45 -7.33 8.71
C2 FAD C . 0.54 -7.65 7.71
O2 FAD C . 0.16 -6.82 6.85
N3 FAD C . 0.01 -8.96 7.65
C4 FAD C . 0.34 -9.99 8.54
O4 FAD C . -0.19 -11.11 8.41
C4X FAD C . 1.28 -9.64 9.58
N5 FAD C . 1.66 -10.64 10.52
C5X FAD C . 2.58 -10.29 11.51
C6 FAD C . 2.97 -11.29 12.46
C7 FAD C . 3.89 -11.03 13.48
C7M FAD C . 4.23 -12.16 14.46
C8 FAD C . 4.47 -9.74 13.59
C8M FAD C . 5.48 -9.38 14.66
C9 FAD C . 4.09 -8.71 12.63
C9A FAD C . 3.16 -8.97 11.61
N10 FAD C . 2.74 -7.95 10.63
C10 FAD C . 1.82 -8.31 9.63
C1' FAD C . 3.26 -6.55 10.69
C2' FAD C . 4.29 -6.13 9.64
O2' FAD C . 5.39 -7.03 9.72
C3' FAD C . 4.69 -4.66 9.91
O3' FAD C . 3.52 -3.86 9.81
C4' FAD C . 5.73 -4.12 8.90
O4' FAD C . 6.90 -4.93 9.01
C5' FAD C . 6.11 -2.68 9.21
O5' FAD C . 7.04 -2.24 8.22
P FAD C . 8.02 -1.00 8.43
O1P FAD C . 8.78 -0.90 7.19
O2P FAD C . 7.25 0.19 8.84
O3P FAD C . 9.02 -1.34 9.66
PA FAD D . -9.14 1.76 -10.58
O1A FAD D . -8.19 0.63 -10.74
O2A FAD D . -9.15 2.86 -11.58
O5B FAD D . -10.58 1.06 -10.44
C5B FAD D . -11.86 1.71 -10.27
C4B FAD D . -12.90 0.65 -10.61
O4B FAD D . -14.23 1.06 -10.21
C3B FAD D . -12.99 0.24 -12.09
O3B FAD D . -12.94 -1.15 -12.28
C2B FAD D . -14.29 0.88 -12.58
O2B FAD D . -14.94 0.29 -13.69
C1B FAD D . -15.14 0.87 -11.32
N9A FAD D . -16.18 1.90 -11.21
C8A FAD D . -16.10 3.25 -11.46
N7A FAD D . -17.24 3.90 -11.26
C5A FAD D . -18.12 2.91 -10.84
C6A FAD D . -19.53 2.94 -10.45
N6A FAD D . -20.23 4.06 -10.44
N1A FAD D . -20.12 1.77 -10.09
C2A FAD D . -19.37 0.61 -10.11
N3A FAD D . -18.07 0.48 -10.45
C4A FAD D . -17.50 1.70 -10.81
N1 FAD D . 0.41 2.53 -11.10
C2 FAD D . 1.53 2.06 -10.46
O2 FAD D . 1.64 2.01 -9.21
N3 FAD D . 2.62 1.60 -11.24
C4 FAD D . 2.64 1.60 -12.64
O4 FAD D . 3.66 1.17 -13.24
C4X FAD D . 1.47 2.09 -13.30
N5 FAD D . 1.42 2.12 -14.72
C5X FAD D . 0.26 2.59 -15.34
C6 FAD D . 0.19 2.62 -16.78
C7 FAD D . -0.93 3.08 -17.44
C7M FAD D . -0.90 3.07 -18.98
C8 FAD D . -2.07 3.53 -16.71
C8M FAD D . -3.35 4.05 -17.37
C9 FAD D . -2.02 3.52 -15.26
C9A FAD D . -0.88 3.07 -14.57
N10 FAD D . -0.80 3.03 -13.10
C10 FAD D . 0.37 2.55 -12.49
C1' FAD D . -1.94 3.51 -12.25
C2' FAD D . -2.74 2.41 -11.49
O2' FAD D . -3.25 1.48 -12.45
C3' FAD D . -3.86 3.07 -10.69
O3' FAD D . -3.26 3.98 -9.76
C4' FAD D . -4.71 2.07 -9.88
O4' FAD D . -5.31 1.12 -10.77
C5' FAD D . -5.79 2.83 -9.13
O5' FAD D . -6.56 1.91 -8.37
P FAD D . -8.01 2.26 -7.85
O1P FAD D . -8.43 1.07 -7.11
O2P FAD D . -7.97 3.56 -7.14
O3P FAD D . -8.95 2.47 -9.14
#